data_9I2P
#
_entry.id   9I2P
#
_cell.length_a   54.041
_cell.length_b   59.146
_cell.length_c   67.609
_cell.angle_alpha   94.308
_cell.angle_beta   110.69
_cell.angle_gamma   111.596
#
_symmetry.space_group_name_H-M   'P 1'
#
loop_
_entity.id
_entity.type
_entity.pdbx_description
1 polymer chitinase
2 non-polymer GLYCEROL
3 non-polymer 'CALCIUM ION'
4 non-polymer 'SODIUM ION'
5 non-polymer '2-(N-MORPHOLINO)-ETHANESULFONIC ACID'
6 water water
#
_entity_poly.entity_id   1
_entity_poly.type   'polypeptide(L)'
_entity_poly.pdbx_seq_one_letter_code
;ATDDASVMPDISNKQVLVGYWHSWKSSGKDGYQQGTSADIALKDTPKAYNVVDVSFMKGDGVNRIPTFKPVGINDSDFRA
QVGALNKEGRAVLLALGGADGHVELKAGDEEAFANEIIRQVETYGFDGLDIDLEQSAITAGDNKTVIPAALKIVKDHYKA
EGKNFLITMAPEFPYLKPGSAYESYLTSLANYYDYIAPQLYNQGGDGVWVDETNQWIAQNNDTLKESFLYYMADSFINGT
RGYLKIPANKFVFGLPANVDAAATGYVTDPQIVKNVFTRLQAKGTPVKGIMTWSVNWDAGKNKAGVPYNNSFSNAYGPIV
GTK
;
_entity_poly.pdbx_strand_id   A,B
#
loop_
_chem_comp.id
_chem_comp.type
_chem_comp.name
_chem_comp.formula
CA non-polymer 'CALCIUM ION' 'Ca 2'
GOL non-polymer GLYCEROL 'C3 H8 O3'
MES non-polymer '2-(N-MORPHOLINO)-ETHANESULFONIC ACID' 'C6 H13 N O4 S'
NA non-polymer 'SODIUM ION' 'Na 1'
#
# COMPACT_ATOMS: atom_id res chain seq x y z
N ALA A 1 2.74 -2.02 -29.80
CA ALA A 1 1.51 -2.84 -29.93
C ALA A 1 0.72 -2.92 -28.61
N THR A 2 0.99 -2.00 -27.67
CA THR A 2 0.40 -2.07 -26.34
C THR A 2 -1.01 -1.46 -26.34
N ASP A 3 -1.87 -1.98 -25.46
CA ASP A 3 -3.21 -1.49 -25.22
C ASP A 3 -3.40 -1.43 -23.70
N ASP A 4 -4.64 -1.18 -23.27
CA ASP A 4 -4.91 -1.02 -21.86
C ASP A 4 -4.53 -2.30 -21.11
N ALA A 5 -4.79 -3.49 -21.70
CA ALA A 5 -4.52 -4.74 -20.97
C ALA A 5 -3.01 -5.07 -20.84
N SER A 6 -2.19 -4.36 -21.61
CA SER A 6 -0.71 -4.58 -21.60
C SER A 6 -0.08 -4.15 -20.27
N VAL A 7 -0.79 -3.34 -19.50
CA VAL A 7 -0.30 -2.83 -18.19
C VAL A 7 -0.46 -3.89 -17.09
N MET A 8 0.44 -3.89 -16.12
CA MET A 8 0.30 -4.78 -14.95
C MET A 8 0.10 -3.86 -13.74
N PRO A 9 -1.15 -3.65 -13.28
CA PRO A 9 -1.43 -2.67 -12.24
C PRO A 9 -0.61 -2.89 -10.99
N ASP A 10 -0.24 -1.78 -10.35
CA ASP A 10 0.46 -1.79 -9.09
C ASP A 10 -0.55 -1.81 -7.93
N ILE A 11 -0.46 -2.83 -7.08
CA ILE A 11 -1.29 -2.89 -5.88
C ILE A 11 -0.39 -2.77 -4.64
N SER A 12 0.89 -2.43 -4.83
CA SER A 12 1.87 -2.46 -3.76
C SER A 12 1.57 -1.41 -2.70
N ASN A 13 0.78 -0.37 -2.97
CA ASN A 13 0.46 0.66 -1.97
C ASN A 13 -1.03 0.67 -1.67
N LYS A 14 -1.72 -0.45 -1.85
CA LYS A 14 -3.15 -0.50 -1.62
C LYS A 14 -3.48 -1.76 -0.84
N GLN A 15 -4.52 -1.64 0.01
CA GLN A 15 -5.24 -2.79 0.49
C GLN A 15 -6.16 -3.31 -0.60
N VAL A 16 -6.38 -4.59 -0.57
CA VAL A 16 -7.15 -5.23 -1.63
C VAL A 16 -8.47 -5.81 -1.14
N LEU A 17 -9.43 -5.75 -2.06
CA LEU A 17 -10.61 -6.54 -2.00
C LEU A 17 -10.55 -7.43 -3.23
N VAL A 18 -10.36 -8.72 -2.99
CA VAL A 18 -10.03 -9.70 -4.03
C VAL A 18 -11.26 -10.54 -4.19
N GLY A 19 -11.73 -10.65 -5.44
CA GLY A 19 -12.81 -11.56 -5.75
C GLY A 19 -12.47 -12.55 -6.84
N TYR A 20 -12.85 -13.83 -6.62
CA TYR A 20 -12.81 -14.85 -7.64
C TYR A 20 -13.96 -14.66 -8.63
N TRP A 21 -13.65 -14.86 -9.90
CA TRP A 21 -14.65 -14.74 -10.95
C TRP A 21 -14.73 -16.08 -11.66
N HIS A 22 -15.94 -16.65 -11.69
CA HIS A 22 -16.15 -17.95 -12.31
C HIS A 22 -16.13 -17.74 -13.83
N SER A 23 -15.23 -18.42 -14.55
CA SER A 23 -15.23 -18.30 -16.00
C SER A 23 -16.27 -19.21 -16.68
N TRP A 24 -16.77 -20.22 -15.99
CA TRP A 24 -17.74 -21.17 -16.56
C TRP A 24 -19.15 -20.60 -16.39
N LYS A 25 -20.13 -21.18 -17.09
CA LYS A 25 -21.52 -20.76 -17.01
C LYS A 25 -22.19 -21.41 -15.81
N SER A 26 -23.02 -20.66 -15.10
CA SER A 26 -23.74 -21.18 -13.94
C SER A 26 -24.65 -22.34 -14.35
N SER A 27 -24.85 -23.30 -13.44
CA SER A 27 -25.66 -24.47 -13.71
C SER A 27 -26.97 -24.44 -12.92
N GLY A 28 -27.16 -23.49 -11.99
CA GLY A 28 -28.42 -23.36 -11.30
C GLY A 28 -28.48 -24.25 -10.05
N LYS A 29 -29.01 -23.71 -8.96
CA LYS A 29 -29.07 -24.40 -7.67
C LYS A 29 -27.69 -24.93 -7.26
N ASP A 30 -26.64 -24.17 -7.58
CA ASP A 30 -25.26 -24.57 -7.33
C ASP A 30 -24.80 -24.13 -5.94
N GLY A 31 -25.67 -23.50 -5.15
CA GLY A 31 -25.28 -22.93 -3.88
C GLY A 31 -25.35 -23.95 -2.75
N TYR A 32 -24.65 -23.70 -1.67
CA TYR A 32 -24.68 -24.58 -0.53
C TYR A 32 -26.03 -24.50 0.18
N GLN A 33 -26.82 -23.46 -0.07
CA GLN A 33 -28.19 -23.37 0.42
C GLN A 33 -29.16 -23.22 -0.76
N GLN A 34 -28.80 -23.88 -1.89
CA GLN A 34 -29.60 -24.03 -3.11
C GLN A 34 -29.86 -22.70 -3.82
N GLY A 35 -29.03 -21.68 -3.57
CA GLY A 35 -29.07 -20.47 -4.40
C GLY A 35 -28.41 -20.70 -5.77
N THR A 36 -28.38 -19.64 -6.59
CA THR A 36 -27.88 -19.66 -7.96
C THR A 36 -26.90 -18.50 -8.15
N SER A 37 -25.67 -18.83 -8.58
CA SER A 37 -24.64 -17.85 -8.80
C SER A 37 -24.95 -17.14 -10.11
N ALA A 38 -24.57 -15.87 -10.21
CA ALA A 38 -24.81 -15.05 -11.39
C ALA A 38 -23.83 -15.35 -12.51
N ASP A 39 -24.27 -15.19 -13.76
CA ASP A 39 -23.38 -15.08 -14.91
C ASP A 39 -23.08 -13.60 -15.13
N ILE A 40 -22.01 -13.13 -14.50
CA ILE A 40 -21.64 -11.72 -14.61
C ILE A 40 -20.44 -11.62 -15.55
N ALA A 41 -20.44 -10.68 -16.48
CA ALA A 41 -19.28 -10.49 -17.32
C ALA A 41 -18.15 -9.94 -16.44
N LEU A 42 -16.89 -10.26 -16.80
CA LEU A 42 -15.74 -9.79 -16.07
C LEU A 42 -15.74 -8.26 -15.98
N LYS A 43 -16.07 -7.56 -17.08
CA LYS A 43 -16.02 -6.10 -17.05
C LYS A 43 -17.06 -5.51 -16.09
N ASP A 44 -18.06 -6.29 -15.68
CA ASP A 44 -19.10 -5.76 -14.82
C ASP A 44 -18.88 -6.11 -13.36
N THR A 45 -17.71 -6.66 -13.05
CA THR A 45 -17.35 -6.95 -11.67
C THR A 45 -17.49 -5.64 -10.90
N PRO A 46 -18.18 -5.60 -9.75
CA PRO A 46 -18.25 -4.35 -8.99
C PRO A 46 -16.92 -3.67 -8.69
N LYS A 47 -16.90 -2.32 -8.80
CA LYS A 47 -15.68 -1.54 -8.70
C LYS A 47 -14.95 -1.77 -7.39
N ALA A 48 -15.66 -2.06 -6.27
CA ALA A 48 -15.02 -2.36 -4.99
C ALA A 48 -13.95 -3.46 -5.09
N TYR A 49 -14.08 -4.41 -6.05
CA TYR A 49 -13.06 -5.41 -6.21
C TYR A 49 -11.91 -4.83 -7.01
N ASN A 50 -10.74 -4.64 -6.38
CA ASN A 50 -9.59 -4.10 -7.11
C ASN A 50 -8.64 -5.20 -7.58
N VAL A 51 -8.87 -6.46 -7.17
CA VAL A 51 -8.19 -7.60 -7.71
C VAL A 51 -9.28 -8.60 -8.05
N VAL A 52 -9.23 -9.13 -9.26
CA VAL A 52 -10.18 -10.14 -9.68
C VAL A 52 -9.40 -11.39 -10.09
N ASP A 53 -9.79 -12.56 -9.56
CA ASP A 53 -9.12 -13.82 -9.89
C ASP A 53 -10.01 -14.67 -10.79
N VAL A 54 -9.63 -14.77 -12.08
CA VAL A 54 -10.32 -15.56 -13.06
C VAL A 54 -10.08 -17.06 -12.85
N SER A 55 -11.15 -17.78 -12.62
CA SER A 55 -11.12 -19.18 -12.22
C SER A 55 -11.66 -20.09 -13.33
N PHE A 56 -10.93 -21.17 -13.74
CA PHE A 56 -9.57 -21.54 -13.34
C PHE A 56 -8.74 -21.93 -14.56
N MET A 57 -7.43 -21.81 -14.42
CA MET A 57 -6.45 -22.56 -15.22
C MET A 57 -6.35 -23.95 -14.63
N LYS A 58 -6.50 -24.95 -15.49
CA LYS A 58 -6.63 -26.31 -14.98
C LYS A 58 -6.12 -27.32 -16.02
N GLY A 59 -5.88 -28.52 -15.54
CA GLY A 59 -5.52 -29.60 -16.44
C GLY A 59 -6.75 -30.33 -16.96
N ASP A 60 -6.51 -31.46 -17.62
CA ASP A 60 -7.56 -32.17 -18.31
C ASP A 60 -7.51 -33.64 -17.90
N GLY A 61 -6.55 -34.02 -17.04
CA GLY A 61 -6.45 -35.42 -16.62
C GLY A 61 -5.82 -36.32 -17.69
N VAL A 62 -5.24 -35.73 -18.74
CA VAL A 62 -4.61 -36.50 -19.80
C VAL A 62 -3.21 -35.95 -20.07
N ASN A 63 -3.15 -34.64 -20.32
CA ASN A 63 -1.93 -33.93 -20.60
C ASN A 63 -1.45 -33.26 -19.30
N ARG A 64 -0.29 -32.64 -19.33
CA ARG A 64 0.31 -32.18 -18.07
C ARG A 64 0.31 -30.66 -17.89
N ILE A 65 0.26 -29.85 -18.96
CA ILE A 65 0.38 -28.40 -18.80
C ILE A 65 -1.01 -27.79 -18.66
N PRO A 66 -1.33 -27.16 -17.50
CA PRO A 66 -2.61 -26.50 -17.36
C PRO A 66 -2.78 -25.35 -18.34
N THR A 67 -4.04 -25.04 -18.65
CA THR A 67 -4.34 -23.97 -19.59
C THR A 67 -5.69 -23.38 -19.21
N PHE A 68 -6.00 -22.27 -19.86
CA PHE A 68 -7.24 -21.55 -19.69
C PHE A 68 -7.68 -21.00 -21.06
N LYS A 69 -8.98 -21.00 -21.31
CA LYS A 69 -9.59 -20.38 -22.48
C LYS A 69 -10.95 -19.87 -21.99
N PRO A 70 -11.30 -18.60 -22.24
CA PRO A 70 -12.63 -18.11 -21.83
C PRO A 70 -13.73 -18.86 -22.58
N VAL A 71 -14.92 -18.87 -21.99
CA VAL A 71 -16.08 -19.56 -22.52
C VAL A 71 -17.04 -18.55 -23.15
N GLY A 72 -17.35 -18.70 -24.44
CA GLY A 72 -18.43 -17.97 -25.09
C GLY A 72 -18.02 -16.52 -25.41
N ILE A 73 -16.71 -16.28 -25.49
CA ILE A 73 -16.21 -14.96 -25.86
C ILE A 73 -14.85 -15.19 -26.49
N ASN A 74 -14.55 -14.42 -27.54
CA ASN A 74 -13.30 -14.60 -28.27
C ASN A 74 -12.17 -13.88 -27.50
N ASP A 75 -10.92 -14.06 -27.96
CA ASP A 75 -9.74 -13.76 -27.14
C ASP A 75 -9.58 -12.24 -27.06
N SER A 76 -9.85 -11.56 -28.17
CA SER A 76 -9.64 -10.13 -28.24
C SER A 76 -10.67 -9.41 -27.39
N ASP A 77 -11.91 -9.93 -27.33
CA ASP A 77 -12.99 -9.32 -26.55
C ASP A 77 -12.76 -9.55 -25.05
N PHE A 78 -12.23 -10.72 -24.70
CA PHE A 78 -11.95 -11.01 -23.31
C PHE A 78 -10.83 -10.09 -22.80
N ARG A 79 -9.75 -10.00 -23.56
CA ARG A 79 -8.64 -9.10 -23.29
C ARG A 79 -9.10 -7.66 -23.08
N ALA A 80 -10.06 -7.17 -23.88
CA ALA A 80 -10.60 -5.83 -23.79
C ALA A 80 -11.28 -5.60 -22.45
N GLN A 81 -11.90 -6.65 -21.92
CA GLN A 81 -12.53 -6.57 -20.62
C GLN A 81 -11.43 -6.52 -19.53
N VAL A 82 -10.33 -7.26 -19.74
CA VAL A 82 -9.21 -7.19 -18.82
C VAL A 82 -8.59 -5.78 -18.87
N GLY A 83 -8.48 -5.23 -20.08
CA GLY A 83 -7.98 -3.86 -20.25
C GLY A 83 -8.81 -2.80 -19.49
N ALA A 84 -10.14 -2.96 -19.55
CA ALA A 84 -11.05 -2.05 -18.91
C ALA A 84 -10.82 -2.04 -17.39
N LEU A 85 -10.60 -3.23 -16.77
CA LEU A 85 -10.24 -3.30 -15.35
C LEU A 85 -8.86 -2.67 -15.11
N ASN A 86 -7.93 -2.91 -16.05
CA ASN A 86 -6.54 -2.54 -15.87
C ASN A 86 -6.42 -1.02 -15.88
N LYS A 87 -7.20 -0.40 -16.78
CA LYS A 87 -7.20 1.03 -16.93
C LYS A 87 -7.59 1.71 -15.63
N GLU A 88 -8.45 1.08 -14.85
CA GLU A 88 -8.88 1.64 -13.57
C GLU A 88 -7.98 1.20 -12.41
N GLY A 89 -6.82 0.64 -12.73
CA GLY A 89 -5.89 0.23 -11.68
C GLY A 89 -6.26 -1.11 -11.01
N ARG A 90 -7.07 -1.94 -11.69
CA ARG A 90 -7.55 -3.15 -11.04
C ARG A 90 -6.85 -4.35 -11.65
N ALA A 91 -6.26 -5.20 -10.81
CA ALA A 91 -5.48 -6.31 -11.30
C ALA A 91 -6.41 -7.49 -11.59
N VAL A 92 -6.13 -8.22 -12.68
CA VAL A 92 -6.83 -9.49 -12.99
C VAL A 92 -5.82 -10.62 -13.02
N LEU A 93 -5.96 -11.59 -12.13
CA LEU A 93 -5.05 -12.70 -12.02
C LEU A 93 -5.75 -13.90 -12.67
N LEU A 94 -4.97 -14.86 -13.14
CA LEU A 94 -5.47 -16.19 -13.45
C LEU A 94 -5.26 -17.13 -12.25
N ALA A 95 -6.35 -17.72 -11.73
CA ALA A 95 -6.30 -18.68 -10.63
C ALA A 95 -6.05 -20.09 -11.16
N LEU A 96 -5.00 -20.74 -10.61
CA LEU A 96 -4.65 -22.10 -10.94
C LEU A 96 -5.30 -23.06 -9.93
N GLY A 97 -5.99 -24.09 -10.42
CA GLY A 97 -6.46 -25.18 -9.58
C GLY A 97 -7.98 -25.19 -9.51
N GLY A 98 -8.52 -25.05 -8.30
CA GLY A 98 -9.96 -25.23 -8.12
C GLY A 98 -10.27 -26.69 -7.87
N ALA A 99 -11.50 -27.00 -7.41
CA ALA A 99 -11.97 -28.38 -7.31
C ALA A 99 -11.96 -29.03 -8.69
N ASP A 100 -11.57 -30.29 -8.76
CA ASP A 100 -11.52 -31.04 -10.00
C ASP A 100 -10.60 -30.32 -11.00
N GLY A 101 -9.48 -29.76 -10.48
CA GLY A 101 -8.48 -29.05 -11.26
C GLY A 101 -7.65 -29.94 -12.19
N HIS A 102 -7.49 -31.20 -11.81
CA HIS A 102 -6.60 -32.12 -12.51
C HIS A 102 -5.23 -31.47 -12.75
N VAL A 103 -4.73 -30.67 -11.80
CA VAL A 103 -3.42 -30.08 -11.94
C VAL A 103 -2.38 -31.09 -11.45
N GLU A 104 -1.51 -31.52 -12.38
CA GLU A 104 -0.52 -32.55 -12.12
C GLU A 104 0.63 -32.41 -13.11
N LEU A 105 1.58 -31.56 -12.73
CA LEU A 105 2.83 -31.33 -13.46
C LEU A 105 3.89 -32.34 -13.06
N LYS A 106 4.87 -32.53 -13.93
CA LYS A 106 5.94 -33.48 -13.68
C LYS A 106 7.27 -32.79 -13.87
N ALA A 107 8.32 -33.25 -13.18
CA ALA A 107 9.65 -32.67 -13.31
C ALA A 107 10.01 -32.49 -14.79
N GLY A 108 10.54 -31.32 -15.19
CA GLY A 108 10.87 -31.01 -16.56
C GLY A 108 9.79 -30.19 -17.29
N ASP A 109 8.60 -30.02 -16.66
CA ASP A 109 7.51 -29.24 -17.26
C ASP A 109 7.60 -27.74 -16.89
N GLU A 110 8.50 -27.37 -15.99
CA GLU A 110 8.60 -26.01 -15.47
C GLU A 110 8.75 -24.97 -16.59
N GLU A 111 9.54 -25.27 -17.64
CA GLU A 111 9.75 -24.27 -18.66
C GLU A 111 8.50 -24.17 -19.53
N ALA A 112 7.90 -25.30 -19.89
CA ALA A 112 6.71 -25.30 -20.75
C ALA A 112 5.54 -24.65 -19.97
N PHE A 113 5.52 -24.86 -18.64
CA PHE A 113 4.42 -24.24 -17.87
C PHE A 113 4.66 -22.72 -17.84
N ALA A 114 5.91 -22.30 -17.58
CA ALA A 114 6.21 -20.86 -17.59
C ALA A 114 5.81 -20.25 -18.93
N ASN A 115 6.10 -20.95 -20.03
CA ASN A 115 5.80 -20.45 -21.36
C ASN A 115 4.29 -20.29 -21.56
N GLU A 116 3.54 -21.23 -21.01
CA GLU A 116 2.09 -21.18 -21.08
C GLU A 116 1.57 -20.01 -20.24
N ILE A 117 2.13 -19.77 -19.05
CA ILE A 117 1.70 -18.61 -18.26
C ILE A 117 2.02 -17.31 -19.00
N ILE A 118 3.15 -17.26 -19.71
CA ILE A 118 3.50 -16.07 -20.49
C ILE A 118 2.54 -15.91 -21.66
N ARG A 119 2.07 -17.01 -22.28
CA ARG A 119 1.10 -16.88 -23.38
C ARG A 119 -0.27 -16.39 -22.88
N GLN A 120 -0.65 -16.77 -21.67
CA GLN A 120 -1.87 -16.23 -21.05
C GLN A 120 -1.79 -14.71 -20.88
N VAL A 121 -0.69 -14.25 -20.28
CA VAL A 121 -0.45 -12.82 -20.11
C VAL A 121 -0.49 -12.10 -21.46
N GLU A 122 0.30 -12.56 -22.44
CA GLU A 122 0.33 -11.89 -23.74
C GLU A 122 -1.01 -11.92 -24.47
N THR A 123 -1.80 -12.99 -24.28
CA THR A 123 -3.04 -13.17 -25.01
C THR A 123 -4.17 -12.41 -24.33
N TYR A 124 -4.34 -12.60 -23.01
CA TYR A 124 -5.51 -12.03 -22.33
C TYR A 124 -5.21 -10.79 -21.47
N GLY A 125 -3.95 -10.52 -21.14
CA GLY A 125 -3.56 -9.32 -20.39
C GLY A 125 -3.60 -9.56 -18.88
N PHE A 126 -3.57 -10.82 -18.41
CA PHE A 126 -3.50 -11.08 -16.98
C PHE A 126 -2.28 -10.45 -16.32
N ASP A 127 -2.37 -10.28 -14.99
CA ASP A 127 -1.40 -9.49 -14.25
C ASP A 127 -0.64 -10.33 -13.22
N GLY A 128 -0.91 -11.65 -13.20
CA GLY A 128 -0.35 -12.48 -12.17
C GLY A 128 -1.10 -13.80 -12.10
N LEU A 129 -0.66 -14.66 -11.22
CA LEU A 129 -1.25 -15.98 -11.06
C LEU A 129 -1.57 -16.20 -9.60
N ASP A 130 -2.71 -16.86 -9.34
CA ASP A 130 -3.10 -17.18 -7.96
C ASP A 130 -3.12 -18.70 -7.80
N ILE A 131 -2.34 -19.21 -6.86
CA ILE A 131 -2.25 -20.64 -6.61
C ILE A 131 -3.42 -21.06 -5.72
N ASP A 132 -4.31 -21.89 -6.25
CA ASP A 132 -5.52 -22.28 -5.55
C ASP A 132 -5.76 -23.76 -5.76
N LEU A 133 -4.81 -24.55 -5.28
CA LEU A 133 -4.81 -25.99 -5.46
C LEU A 133 -5.82 -26.64 -4.52
N GLU A 134 -6.60 -27.60 -4.99
CA GLU A 134 -7.40 -28.45 -4.13
C GLU A 134 -6.46 -29.35 -3.36
N GLN A 135 -6.94 -29.93 -2.25
CA GLN A 135 -6.15 -30.75 -1.34
C GLN A 135 -5.29 -31.82 -2.07
N SER A 136 -5.91 -32.54 -3.01
CA SER A 136 -5.22 -33.62 -3.71
C SER A 136 -4.08 -33.08 -4.58
N ALA A 137 -4.18 -31.84 -5.06
CA ALA A 137 -3.21 -31.33 -6.02
C ALA A 137 -1.94 -30.79 -5.35
N ILE A 138 -1.98 -30.59 -4.03
CA ILE A 138 -0.87 -29.95 -3.35
C ILE A 138 0.44 -30.70 -3.62
N THR A 139 0.41 -32.02 -3.43
CA THR A 139 1.58 -32.87 -3.64
C THR A 139 1.40 -33.80 -4.84
N ALA A 140 0.43 -33.58 -5.73
CA ALA A 140 0.35 -34.41 -6.92
C ALA A 140 1.56 -34.18 -7.84
N GLY A 141 2.01 -35.26 -8.50
CA GLY A 141 3.13 -35.19 -9.44
C GLY A 141 4.32 -34.43 -8.85
N ASP A 142 4.86 -33.47 -9.58
CA ASP A 142 5.92 -32.65 -9.02
C ASP A 142 5.47 -31.20 -8.87
N ASN A 143 4.17 -31.00 -8.56
CA ASN A 143 3.58 -29.69 -8.41
C ASN A 143 4.37 -28.84 -7.42
N LYS A 144 4.78 -29.46 -6.32
CA LYS A 144 5.35 -28.72 -5.22
C LYS A 144 6.58 -27.95 -5.65
N THR A 145 7.34 -28.49 -6.61
CA THR A 145 8.56 -27.83 -7.06
C THR A 145 8.35 -27.21 -8.44
N VAL A 146 7.57 -27.82 -9.32
CA VAL A 146 7.49 -27.29 -10.68
C VAL A 146 6.74 -25.94 -10.67
N ILE A 147 5.65 -25.86 -9.90
CA ILE A 147 4.83 -24.65 -9.93
C ILE A 147 5.66 -23.47 -9.41
N PRO A 148 6.33 -23.53 -8.22
CA PRO A 148 7.23 -22.45 -7.82
C PRO A 148 8.29 -22.12 -8.88
N ALA A 149 8.86 -23.16 -9.46
CA ALA A 149 9.94 -22.95 -10.40
C ALA A 149 9.43 -22.16 -11.59
N ALA A 150 8.31 -22.62 -12.15
CA ALA A 150 7.75 -21.91 -13.31
C ALA A 150 7.39 -20.45 -13.01
N LEU A 151 6.80 -20.23 -11.83
CA LEU A 151 6.39 -18.90 -11.45
C LEU A 151 7.55 -17.93 -11.29
N LYS A 152 8.71 -18.42 -10.78
CA LYS A 152 9.89 -17.59 -10.68
C LYS A 152 10.39 -17.21 -12.08
N ILE A 153 10.36 -18.13 -13.02
CA ILE A 153 10.77 -17.81 -14.40
C ILE A 153 9.86 -16.71 -14.94
N VAL A 154 8.55 -16.77 -14.62
CA VAL A 154 7.62 -15.78 -15.16
C VAL A 154 7.85 -14.40 -14.50
N LYS A 155 7.99 -14.37 -13.17
CA LYS A 155 8.19 -13.10 -12.47
C LYS A 155 9.45 -12.41 -12.99
N ASP A 156 10.54 -13.17 -13.09
CA ASP A 156 11.81 -12.67 -13.58
C ASP A 156 11.69 -12.13 -14.99
N HIS A 157 10.95 -12.83 -15.84
CA HIS A 157 10.72 -12.41 -17.21
C HIS A 157 10.07 -11.04 -17.23
N TYR A 158 9.03 -10.82 -16.40
CA TYR A 158 8.33 -9.56 -16.49
C TYR A 158 9.16 -8.47 -15.79
N LYS A 159 9.90 -8.84 -14.75
CA LYS A 159 10.74 -7.86 -14.04
C LYS A 159 11.77 -7.23 -14.98
N ALA A 160 12.36 -8.03 -15.86
CA ALA A 160 13.21 -7.54 -16.94
C ALA A 160 12.51 -6.46 -17.79
N GLU A 161 11.20 -6.55 -18.03
CA GLU A 161 10.58 -5.54 -18.88
C GLU A 161 9.83 -4.51 -18.03
N GLY A 162 10.21 -4.39 -16.76
CA GLY A 162 9.70 -3.31 -15.95
C GLY A 162 8.38 -3.59 -15.22
N LYS A 163 7.86 -4.83 -15.26
CA LYS A 163 6.52 -5.09 -14.77
C LYS A 163 6.57 -6.04 -13.57
N ASN A 164 5.59 -5.90 -12.68
CA ASN A 164 5.52 -6.75 -11.51
C ASN A 164 4.39 -7.76 -11.72
N PHE A 165 4.76 -9.00 -12.05
CA PHE A 165 3.79 -10.07 -12.17
C PHE A 165 3.43 -10.59 -10.80
N LEU A 166 2.16 -10.47 -10.46
CA LEU A 166 1.72 -10.79 -9.07
C LEU A 166 1.63 -12.28 -8.83
N ILE A 167 2.09 -12.72 -7.67
CA ILE A 167 1.95 -14.11 -7.29
C ILE A 167 1.17 -14.11 -5.96
N THR A 168 0.06 -14.83 -5.94
CA THR A 168 -0.73 -14.95 -4.74
C THR A 168 -1.03 -16.42 -4.51
N MET A 169 -1.44 -16.73 -3.30
CA MET A 169 -1.88 -18.06 -2.99
C MET A 169 -3.15 -17.97 -2.14
N ALA A 170 -4.00 -18.97 -2.26
CA ALA A 170 -5.21 -19.11 -1.46
C ALA A 170 -5.29 -20.50 -0.84
N PRO A 171 -4.35 -20.89 0.03
CA PRO A 171 -4.42 -22.20 0.67
C PRO A 171 -5.53 -22.29 1.71
N GLU A 172 -6.03 -23.50 1.92
CA GLU A 172 -6.96 -23.81 2.98
C GLU A 172 -6.15 -23.72 4.27
N PHE A 173 -6.72 -23.11 5.31
CA PHE A 173 -5.83 -22.66 6.38
C PHE A 173 -5.19 -23.81 7.14
N PRO A 174 -5.82 -25.02 7.27
CA PRO A 174 -5.22 -26.08 8.05
C PRO A 174 -3.91 -26.61 7.48
N TYR A 175 -3.61 -26.33 6.20
CA TYR A 175 -2.38 -26.79 5.58
C TYR A 175 -1.18 -25.89 5.84
N LEU A 176 -1.38 -24.73 6.45
CA LEU A 176 -0.30 -23.80 6.69
C LEU A 176 0.33 -24.06 8.05
N LYS A 177 0.92 -25.26 8.19
CA LYS A 177 1.61 -25.63 9.41
C LYS A 177 3.04 -26.07 9.10
N PRO A 178 3.96 -26.04 10.10
CA PRO A 178 5.31 -26.55 9.91
C PRO A 178 5.32 -28.00 9.47
N GLY A 179 6.22 -28.32 8.54
CA GLY A 179 6.36 -29.68 8.04
C GLY A 179 5.23 -30.07 7.10
N SER A 180 4.31 -29.14 6.79
CA SER A 180 3.21 -29.45 5.91
C SER A 180 3.71 -29.42 4.46
N ALA A 181 3.05 -30.21 3.62
CA ALA A 181 3.33 -30.20 2.18
C ALA A 181 3.37 -28.78 1.64
N TYR A 182 2.46 -27.91 2.14
CA TYR A 182 2.21 -26.58 1.61
C TYR A 182 3.32 -25.60 1.98
N GLU A 183 4.03 -25.94 3.06
CA GLU A 183 5.06 -25.06 3.58
C GLU A 183 6.08 -24.78 2.49
N SER A 184 6.39 -25.79 1.69
CA SER A 184 7.43 -25.62 0.69
C SER A 184 7.03 -24.64 -0.39
N TYR A 185 5.70 -24.43 -0.63
CA TYR A 185 5.29 -23.39 -1.56
C TYR A 185 5.70 -22.01 -1.02
N LEU A 186 5.46 -21.77 0.27
CA LEU A 186 5.72 -20.50 0.93
C LEU A 186 7.22 -20.20 0.97
N THR A 187 8.03 -21.21 1.31
CA THR A 187 9.46 -20.95 1.52
C THR A 187 10.11 -20.87 0.15
N SER A 188 9.66 -21.70 -0.81
CA SER A 188 10.24 -21.52 -2.13
C SER A 188 9.94 -20.13 -2.69
N LEU A 189 8.76 -19.53 -2.37
CA LEU A 189 8.31 -18.34 -3.06
C LEU A 189 8.42 -17.13 -2.11
N ALA A 190 9.22 -17.24 -1.02
CA ALA A 190 9.23 -16.24 0.02
C ALA A 190 9.53 -14.84 -0.51
N ASN A 191 10.37 -14.66 -1.54
CA ASN A 191 10.66 -13.33 -2.04
C ASN A 191 9.85 -13.03 -3.29
N TYR A 192 8.93 -13.92 -3.65
CA TYR A 192 8.22 -13.71 -4.88
C TYR A 192 6.74 -13.39 -4.68
N TYR A 193 6.11 -13.90 -3.62
CA TYR A 193 4.67 -13.81 -3.49
C TYR A 193 4.27 -12.44 -2.94
N ASP A 194 3.11 -11.96 -3.40
CA ASP A 194 2.62 -10.63 -3.08
C ASP A 194 1.70 -10.70 -1.86
N TYR A 195 0.84 -11.73 -1.79
CA TYR A 195 0.09 -11.97 -0.57
C TYR A 195 -0.46 -13.40 -0.56
N ILE A 196 -0.83 -13.85 0.62
CA ILE A 196 -1.38 -15.17 0.86
C ILE A 196 -2.75 -14.91 1.46
N ALA A 197 -3.81 -15.52 0.89
CA ALA A 197 -5.16 -15.38 1.43
C ALA A 197 -5.70 -16.72 1.89
N PRO A 198 -5.41 -17.16 3.12
CA PRO A 198 -5.98 -18.41 3.59
C PRO A 198 -7.51 -18.43 3.56
N GLN A 199 -8.08 -19.53 3.03
CA GLN A 199 -9.49 -19.76 2.99
C GLN A 199 -9.95 -20.09 4.42
N LEU A 200 -10.77 -19.22 5.00
CA LEU A 200 -11.28 -19.38 6.35
C LEU A 200 -12.74 -19.84 6.24
N TYR A 201 -12.97 -20.79 5.35
CA TYR A 201 -14.28 -21.34 5.09
C TYR A 201 -14.09 -22.79 4.64
N ASN A 202 -15.19 -23.54 4.78
CA ASN A 202 -15.30 -24.95 4.47
C ASN A 202 -14.38 -25.84 5.29
N GLN A 203 -13.85 -25.42 6.45
CA GLN A 203 -12.95 -26.33 7.21
C GLN A 203 -13.60 -26.86 8.51
N GLY A 204 -14.91 -26.66 8.63
CA GLY A 204 -15.68 -27.21 9.74
C GLY A 204 -15.12 -26.73 11.07
N GLY A 205 -14.78 -27.68 11.94
CA GLY A 205 -14.45 -27.39 13.34
C GLY A 205 -12.95 -27.26 13.51
N ASP A 206 -12.18 -27.28 12.42
CA ASP A 206 -10.79 -26.95 12.56
C ASP A 206 -10.67 -25.44 12.93
N GLY A 207 -9.53 -25.09 13.50
CA GLY A 207 -9.36 -23.80 14.12
C GLY A 207 -8.02 -23.69 14.82
N VAL A 208 -8.05 -23.06 15.99
CA VAL A 208 -6.85 -22.69 16.71
C VAL A 208 -7.06 -22.88 18.23
N TRP A 209 -6.05 -23.40 18.91
CA TRP A 209 -6.04 -23.51 20.35
C TRP A 209 -5.39 -22.26 20.96
N VAL A 210 -6.12 -21.51 21.81
CA VAL A 210 -5.68 -20.23 22.32
C VAL A 210 -5.54 -20.28 23.84
N ASP A 211 -4.29 -20.25 24.33
CA ASP A 211 -3.96 -20.21 25.75
C ASP A 211 -4.59 -19.01 26.46
N GLU A 212 -4.54 -17.82 25.83
CA GLU A 212 -5.05 -16.58 26.43
C GLU A 212 -6.48 -16.74 26.92
N THR A 213 -7.35 -17.40 26.14
CA THR A 213 -8.75 -17.46 26.48
C THR A 213 -9.12 -18.87 26.93
N ASN A 214 -8.21 -19.83 26.75
CA ASN A 214 -8.38 -21.24 27.12
C ASN A 214 -9.56 -21.85 26.35
N GLN A 215 -9.52 -21.72 25.02
CA GLN A 215 -10.60 -22.27 24.21
C GLN A 215 -10.04 -22.73 22.87
N TRP A 216 -10.69 -23.78 22.35
CA TRP A 216 -10.55 -24.16 20.98
C TRP A 216 -11.49 -23.22 20.24
N ILE A 217 -10.96 -22.51 19.25
CA ILE A 217 -11.78 -21.60 18.49
C ILE A 217 -11.91 -22.09 17.06
N ALA A 218 -13.10 -22.59 16.74
CA ALA A 218 -13.32 -23.25 15.48
C ALA A 218 -13.79 -22.26 14.42
N GLN A 219 -13.49 -22.57 13.16
CA GLN A 219 -13.85 -21.74 12.04
C GLN A 219 -15.38 -21.74 11.82
N ASN A 220 -16.11 -22.79 12.23
CA ASN A 220 -17.57 -22.86 12.07
C ASN A 220 -18.28 -22.46 13.36
N ASN A 221 -17.58 -21.84 14.32
CA ASN A 221 -18.20 -21.36 15.55
C ASN A 221 -18.51 -19.86 15.47
N ASP A 222 -19.80 -19.53 15.22
CA ASP A 222 -20.24 -18.16 15.04
C ASP A 222 -20.20 -17.36 16.33
N THR A 223 -20.35 -18.00 17.50
CA THR A 223 -20.29 -17.30 18.76
C THR A 223 -18.92 -16.62 18.90
N LEU A 224 -17.87 -17.24 18.34
CA LEU A 224 -16.52 -16.80 18.61
C LEU A 224 -15.88 -16.25 17.34
N LYS A 225 -16.66 -15.79 16.36
CA LYS A 225 -16.09 -15.44 15.06
C LYS A 225 -15.03 -14.33 15.20
N GLU A 226 -15.30 -13.37 16.07
CA GLU A 226 -14.39 -12.25 16.26
C GLU A 226 -13.04 -12.78 16.75
N SER A 227 -13.08 -13.66 17.74
CA SER A 227 -11.88 -14.26 18.26
C SER A 227 -11.21 -15.13 17.21
N PHE A 228 -11.97 -15.94 16.47
CA PHE A 228 -11.39 -16.77 15.44
C PHE A 228 -10.53 -15.92 14.51
N LEU A 229 -11.12 -14.90 13.90
CA LEU A 229 -10.43 -14.08 12.91
C LEU A 229 -9.19 -13.41 13.50
N TYR A 230 -9.31 -12.91 14.73
CA TYR A 230 -8.22 -12.22 15.38
C TYR A 230 -7.05 -13.17 15.66
N TYR A 231 -7.34 -14.29 16.37
CA TYR A 231 -6.33 -15.24 16.73
C TYR A 231 -5.76 -15.98 15.52
N MET A 232 -6.55 -16.23 14.47
CA MET A 232 -5.99 -16.82 13.26
C MET A 232 -4.97 -15.82 12.68
N ALA A 233 -5.34 -14.53 12.57
CA ALA A 233 -4.41 -13.55 12.04
C ALA A 233 -3.16 -13.45 12.89
N ASP A 234 -3.34 -13.43 14.22
CA ASP A 234 -2.24 -13.28 15.15
C ASP A 234 -1.27 -14.46 15.02
N SER A 235 -1.85 -15.69 14.84
CA SER A 235 -1.09 -16.89 14.73
C SER A 235 -0.24 -16.83 13.47
N PHE A 236 -0.80 -16.43 12.34
CA PHE A 236 -0.03 -16.30 11.10
C PHE A 236 1.04 -15.22 11.24
N ILE A 237 0.67 -14.06 11.78
CA ILE A 237 1.60 -12.95 11.88
C ILE A 237 2.82 -13.34 12.71
N ASN A 238 2.64 -14.14 13.77
CA ASN A 238 3.73 -14.47 14.68
C ASN A 238 4.32 -15.85 14.46
N GLY A 239 3.72 -16.63 13.55
CA GLY A 239 4.01 -18.03 13.39
C GLY A 239 3.84 -18.77 14.71
N THR A 240 2.74 -18.53 15.43
CA THR A 240 2.46 -19.28 16.64
C THR A 240 1.26 -20.23 16.55
N ARG A 241 1.03 -20.91 17.67
CA ARG A 241 -0.09 -21.82 17.87
C ARG A 241 -0.17 -22.91 16.80
N GLY A 242 0.92 -23.29 16.17
CA GLY A 242 0.86 -24.40 15.25
C GLY A 242 0.95 -23.97 13.79
N TYR A 243 0.89 -22.65 13.52
CA TYR A 243 0.77 -22.09 12.17
C TYR A 243 2.10 -21.49 11.74
N LEU A 244 2.31 -21.52 10.43
CA LEU A 244 3.44 -20.91 9.77
C LEU A 244 3.40 -19.40 9.90
N LYS A 245 4.48 -18.74 9.54
CA LYS A 245 4.55 -17.29 9.66
C LYS A 245 4.21 -16.70 8.30
N ILE A 246 3.20 -15.84 8.28
CA ILE A 246 2.93 -14.90 7.20
C ILE A 246 3.00 -13.46 7.71
N PRO A 247 3.83 -12.58 7.14
CA PRO A 247 3.81 -11.16 7.53
C PRO A 247 2.43 -10.54 7.30
N ALA A 248 1.95 -9.75 8.26
CA ALA A 248 0.65 -9.09 8.16
C ALA A 248 0.51 -8.28 6.87
N ASN A 249 1.58 -7.63 6.40
CA ASN A 249 1.48 -6.79 5.20
C ASN A 249 1.31 -7.67 3.95
N LYS A 250 1.33 -8.99 4.10
CA LYS A 250 1.10 -9.93 3.03
C LYS A 250 -0.01 -10.92 3.34
N PHE A 251 -0.86 -10.61 4.31
CA PHE A 251 -1.92 -11.47 4.81
C PHE A 251 -3.29 -10.90 4.41
N VAL A 252 -4.11 -11.76 3.80
CA VAL A 252 -5.47 -11.42 3.42
C VAL A 252 -6.45 -12.39 4.05
N PHE A 253 -7.52 -11.87 4.63
CA PHE A 253 -8.58 -12.74 5.13
C PHE A 253 -9.42 -13.32 3.99
N GLY A 254 -9.48 -14.66 3.88
CA GLY A 254 -10.32 -15.30 2.88
C GLY A 254 -11.67 -15.71 3.49
N LEU A 255 -12.75 -15.11 2.98
CA LEU A 255 -14.07 -15.20 3.59
C LEU A 255 -15.05 -15.51 2.48
N PRO A 256 -16.13 -16.23 2.78
CA PRO A 256 -17.13 -16.52 1.75
C PRO A 256 -18.14 -15.38 1.61
N ALA A 257 -18.64 -15.19 0.38
CA ALA A 257 -19.45 -14.00 0.08
C ALA A 257 -20.78 -14.01 0.85
N ASN A 258 -21.34 -15.18 1.05
CA ASN A 258 -22.64 -15.37 1.67
C ASN A 258 -22.77 -16.87 1.97
N VAL A 259 -23.97 -17.26 2.42
CA VAL A 259 -24.21 -18.62 2.93
C VAL A 259 -24.30 -19.60 1.78
N ASP A 260 -24.54 -19.12 0.55
CA ASP A 260 -24.57 -20.02 -0.59
C ASP A 260 -23.17 -20.35 -1.14
N ALA A 261 -22.18 -19.55 -0.81
CA ALA A 261 -20.86 -19.63 -1.45
C ALA A 261 -20.00 -20.69 -0.79
N ALA A 262 -20.28 -21.00 0.48
CA ALA A 262 -19.51 -21.97 1.23
C ALA A 262 -20.40 -22.68 2.25
N ALA A 263 -19.94 -23.82 2.76
CA ALA A 263 -20.72 -24.59 3.70
C ALA A 263 -20.65 -23.90 5.05
N THR A 264 -19.41 -23.56 5.49
CA THR A 264 -19.24 -22.86 6.76
C THR A 264 -18.32 -21.66 6.57
N GLY A 265 -18.37 -20.74 7.56
CA GLY A 265 -17.37 -19.67 7.67
C GLY A 265 -17.88 -18.28 7.35
N TYR A 266 -19.14 -18.15 6.88
CA TYR A 266 -19.79 -16.86 6.66
C TYR A 266 -19.77 -16.00 7.92
N VAL A 267 -19.37 -14.75 7.76
CA VAL A 267 -19.32 -13.82 8.88
C VAL A 267 -20.65 -13.06 8.93
N THR A 268 -21.41 -13.15 10.04
CA THR A 268 -22.79 -12.67 9.97
C THR A 268 -22.86 -11.16 10.15
N ASP A 269 -21.86 -10.54 10.78
CA ASP A 269 -21.85 -9.09 10.98
C ASP A 269 -20.50 -8.47 10.58
N PRO A 270 -20.47 -7.57 9.56
CA PRO A 270 -19.23 -6.96 9.08
C PRO A 270 -18.48 -6.08 10.08
N GLN A 271 -19.20 -5.59 11.10
CA GLN A 271 -18.54 -4.90 12.20
C GLN A 271 -17.48 -5.82 12.81
N ILE A 272 -17.71 -7.15 12.83
CA ILE A 272 -16.73 -8.08 13.40
C ILE A 272 -15.35 -7.92 12.70
N VAL A 273 -15.40 -7.89 11.36
CA VAL A 273 -14.16 -7.73 10.59
C VAL A 273 -13.51 -6.35 10.85
N LYS A 274 -14.31 -5.32 11.01
CA LYS A 274 -13.80 -3.97 11.27
C LYS A 274 -13.10 -3.89 12.62
N ASN A 275 -13.68 -4.53 13.65
CA ASN A 275 -13.03 -4.63 14.94
C ASN A 275 -11.68 -5.32 14.84
N VAL A 276 -11.58 -6.39 14.06
CA VAL A 276 -10.30 -7.08 13.96
C VAL A 276 -9.30 -6.20 13.22
N PHE A 277 -9.70 -5.58 12.08
CA PHE A 277 -8.81 -4.68 11.34
C PHE A 277 -8.26 -3.57 12.25
N THR A 278 -9.16 -3.03 13.08
CA THR A 278 -8.87 -1.94 14.00
C THR A 278 -7.87 -2.41 15.04
N ARG A 279 -8.09 -3.60 15.63
CA ARG A 279 -7.18 -4.08 16.65
C ARG A 279 -5.78 -4.32 16.07
N LEU A 280 -5.73 -4.95 14.92
CA LEU A 280 -4.46 -5.29 14.30
C LEU A 280 -3.70 -4.00 13.94
N GLN A 281 -4.40 -3.01 13.42
CA GLN A 281 -3.75 -1.74 13.06
C GLN A 281 -3.19 -1.02 14.29
N ALA A 282 -3.92 -1.00 15.40
CA ALA A 282 -3.45 -0.43 16.65
C ALA A 282 -2.17 -1.12 17.14
N LYS A 283 -1.95 -2.37 16.77
CA LYS A 283 -0.75 -3.06 17.22
C LYS A 283 0.36 -2.85 16.20
N GLY A 284 0.09 -2.13 15.11
CA GLY A 284 1.07 -1.83 14.08
C GLY A 284 1.19 -2.92 13.01
N THR A 285 0.25 -3.87 12.98
CA THR A 285 0.32 -4.95 12.00
C THR A 285 -0.97 -4.99 11.21
N PRO A 286 -1.34 -3.91 10.49
CA PRO A 286 -2.50 -3.97 9.61
C PRO A 286 -2.27 -4.95 8.46
N VAL A 287 -3.34 -5.54 7.99
CA VAL A 287 -3.26 -6.64 7.02
C VAL A 287 -3.42 -6.07 5.62
N LYS A 288 -3.25 -6.93 4.60
CA LYS A 288 -3.22 -6.49 3.23
C LYS A 288 -4.66 -6.34 2.70
N GLY A 289 -5.63 -7.10 3.24
CA GLY A 289 -6.98 -6.97 2.72
C GLY A 289 -7.89 -8.18 2.94
N ILE A 290 -8.93 -8.25 2.08
CA ILE A 290 -9.96 -9.25 2.16
C ILE A 290 -10.09 -9.91 0.80
N MET A 291 -10.34 -11.24 0.83
CA MET A 291 -10.62 -12.02 -0.38
C MET A 291 -11.95 -12.73 -0.19
N THR A 292 -12.67 -12.94 -1.30
CA THR A 292 -13.92 -13.68 -1.20
C THR A 292 -14.11 -14.61 -2.40
N TRP A 293 -14.67 -15.79 -2.08
CA TRP A 293 -15.35 -16.62 -3.07
C TRP A 293 -16.81 -16.24 -2.94
N SER A 294 -17.36 -15.44 -3.85
CA SER A 294 -16.90 -15.20 -5.21
C SER A 294 -17.70 -14.02 -5.72
N VAL A 295 -17.27 -13.39 -6.80
CA VAL A 295 -17.98 -12.27 -7.36
C VAL A 295 -19.34 -12.77 -7.81
N ASN A 296 -19.34 -13.94 -8.47
CA ASN A 296 -20.55 -14.53 -9.01
C ASN A 296 -21.58 -14.87 -7.92
N TRP A 297 -21.09 -15.18 -6.75
CA TRP A 297 -21.96 -15.43 -5.63
C TRP A 297 -22.45 -14.12 -5.05
N ASP A 298 -21.57 -13.11 -4.97
CA ASP A 298 -21.95 -11.79 -4.47
C ASP A 298 -23.10 -11.21 -5.30
N ALA A 299 -23.08 -11.49 -6.61
CA ALA A 299 -24.11 -11.05 -7.57
C ALA A 299 -25.16 -12.11 -7.83
N GLY A 300 -25.24 -13.15 -7.01
CA GLY A 300 -26.16 -14.25 -7.29
C GLY A 300 -27.47 -14.05 -6.52
N LYS A 301 -28.20 -15.17 -6.33
CA LYS A 301 -29.48 -15.08 -5.64
C LYS A 301 -29.63 -16.30 -4.75
N ASN A 302 -30.40 -16.14 -3.67
CA ASN A 302 -30.64 -17.23 -2.76
C ASN A 302 -31.74 -18.12 -3.35
N LYS A 303 -32.04 -19.24 -2.66
CA LYS A 303 -32.95 -20.25 -3.17
C LYS A 303 -34.37 -19.67 -3.37
N ALA A 304 -34.71 -18.57 -2.69
CA ALA A 304 -36.02 -17.96 -2.77
C ALA A 304 -36.02 -16.91 -3.88
N GLY A 305 -34.87 -16.72 -4.55
CA GLY A 305 -34.76 -15.82 -5.69
C GLY A 305 -34.48 -14.38 -5.24
N VAL A 306 -34.17 -14.20 -3.94
CA VAL A 306 -33.80 -12.88 -3.44
C VAL A 306 -32.36 -12.58 -3.83
N PRO A 307 -32.07 -11.48 -4.59
CA PRO A 307 -30.70 -11.16 -4.98
C PRO A 307 -29.80 -10.82 -3.81
N TYR A 308 -28.52 -11.24 -3.88
CA TYR A 308 -27.56 -10.92 -2.83
C TYR A 308 -27.15 -9.45 -2.95
N ASN A 309 -27.26 -8.88 -4.16
CA ASN A 309 -27.05 -7.47 -4.40
C ASN A 309 -25.68 -6.97 -3.95
N ASN A 310 -24.64 -7.78 -4.19
CA ASN A 310 -23.27 -7.41 -3.89
C ASN A 310 -23.12 -7.03 -2.42
N SER A 311 -23.85 -7.71 -1.53
CA SER A 311 -23.87 -7.32 -0.13
C SER A 311 -22.46 -7.48 0.49
N PHE A 312 -21.63 -8.36 -0.06
CA PHE A 312 -20.29 -8.56 0.52
C PHE A 312 -19.36 -7.40 0.14
N SER A 313 -19.24 -7.10 -1.16
CA SER A 313 -18.39 -5.99 -1.55
C SER A 313 -18.89 -4.65 -1.03
N ASN A 314 -20.23 -4.45 -0.97
CA ASN A 314 -20.75 -3.22 -0.37
C ASN A 314 -20.32 -3.08 1.09
N ALA A 315 -20.24 -4.16 1.87
CA ALA A 315 -19.86 -4.08 3.28
C ALA A 315 -18.34 -3.98 3.46
N TYR A 316 -17.52 -4.72 2.69
CA TYR A 316 -16.09 -4.82 2.98
C TYR A 316 -15.24 -3.87 2.13
N GLY A 317 -15.71 -3.47 0.92
CA GLY A 317 -15.07 -2.42 0.14
C GLY A 317 -14.62 -1.23 1.00
N PRO A 318 -15.55 -0.62 1.78
CA PRO A 318 -15.24 0.50 2.64
C PRO A 318 -14.26 0.16 3.75
N ILE A 319 -14.27 -1.07 4.27
CA ILE A 319 -13.32 -1.45 5.30
C ILE A 319 -11.89 -1.48 4.73
N VAL A 320 -11.68 -1.94 3.49
CA VAL A 320 -10.34 -1.91 2.93
C VAL A 320 -10.08 -0.67 2.06
N GLY A 321 -11.09 0.20 1.89
CA GLY A 321 -10.85 1.48 1.25
C GLY A 321 -10.86 1.40 -0.28
N THR A 322 -11.56 0.41 -0.89
CA THR A 322 -11.77 0.41 -2.34
C THR A 322 -13.15 1.02 -2.70
N LYS A 323 -13.90 1.46 -1.69
CA LYS A 323 -15.18 2.10 -1.90
C LYS A 323 -15.37 3.18 -0.80
N ALA B 1 6.50 -1.77 29.49
CA ALA B 1 6.80 -0.35 29.22
C ALA B 1 6.16 0.12 27.91
N THR B 2 5.41 -0.73 27.19
CA THR B 2 4.81 -0.32 25.93
C THR B 2 3.51 0.46 26.19
N ASP B 3 3.25 1.44 25.32
CA ASP B 3 1.96 2.11 25.22
C ASP B 3 1.66 2.25 23.71
N ASP B 4 0.63 2.99 23.38
CA ASP B 4 0.18 3.14 22.00
C ASP B 4 1.30 3.76 21.19
N ALA B 5 2.03 4.76 21.75
CA ALA B 5 3.11 5.42 21.02
C ALA B 5 4.31 4.52 20.72
N SER B 6 4.40 3.34 21.36
CA SER B 6 5.50 2.40 21.09
C SER B 6 5.43 1.69 19.74
N VAL B 7 4.26 1.64 19.13
CA VAL B 7 4.18 0.99 17.83
C VAL B 7 4.74 1.94 16.79
N MET B 8 5.18 1.36 15.67
CA MET B 8 5.58 2.10 14.49
C MET B 8 4.60 1.68 13.41
N PRO B 9 3.58 2.51 13.10
CA PRO B 9 2.54 2.12 12.17
C PRO B 9 3.08 1.74 10.80
N ASP B 10 2.43 0.77 10.17
CA ASP B 10 2.78 0.31 8.85
C ASP B 10 2.00 1.14 7.82
N ILE B 11 2.75 1.78 6.88
CA ILE B 11 2.13 2.49 5.79
C ILE B 11 2.46 1.79 4.46
N SER B 12 3.04 0.60 4.52
CA SER B 12 3.54 -0.06 3.33
C SER B 12 2.40 -0.44 2.38
N ASN B 13 1.14 -0.53 2.86
CA ASN B 13 0.02 -0.85 1.97
C ASN B 13 -0.99 0.28 1.86
N LYS B 14 -0.51 1.53 2.01
CA LYS B 14 -1.42 2.64 1.94
C LYS B 14 -0.76 3.75 1.14
N GLN B 15 -1.59 4.49 0.40
CA GLN B 15 -1.26 5.81 -0.06
C GLN B 15 -1.31 6.80 1.11
N VAL B 16 -0.52 7.84 1.01
CA VAL B 16 -0.39 8.79 2.12
C VAL B 16 -0.86 10.18 1.73
N LEU B 17 -1.48 10.82 2.71
CA LEU B 17 -1.58 12.27 2.77
C LEU B 17 -0.74 12.71 3.96
N VAL B 18 0.36 13.39 3.61
CA VAL B 18 1.42 13.73 4.57
C VAL B 18 1.31 15.21 4.85
N GLY B 19 1.26 15.57 6.13
CA GLY B 19 1.17 16.96 6.53
C GLY B 19 2.27 17.33 7.54
N TYR B 20 2.96 18.45 7.30
CA TYR B 20 3.92 18.99 8.26
C TYR B 20 3.16 19.69 9.39
N TRP B 21 3.60 19.48 10.60
CA TRP B 21 2.99 20.10 11.75
C TRP B 21 4.01 21.00 12.42
N HIS B 22 3.70 22.29 12.54
CA HIS B 22 4.58 23.27 13.17
C HIS B 22 4.59 23.01 14.67
N SER B 23 5.78 22.77 15.24
CA SER B 23 5.87 22.60 16.68
C SER B 23 5.95 23.94 17.44
N TRP B 24 6.28 25.04 16.75
CA TRP B 24 6.33 26.35 17.37
C TRP B 24 4.94 27.01 17.40
N LYS B 25 4.81 28.11 18.16
CA LYS B 25 3.55 28.81 18.29
C LYS B 25 3.55 29.89 17.21
N SER B 26 2.37 30.12 16.64
CA SER B 26 2.22 31.08 15.56
C SER B 26 2.51 32.48 16.10
N SER B 27 3.07 33.31 15.22
CA SER B 27 3.46 34.67 15.59
C SER B 27 2.49 35.69 15.02
N GLY B 28 1.53 35.27 14.21
CA GLY B 28 0.55 36.17 13.63
C GLY B 28 1.09 36.78 12.34
N LYS B 29 0.25 36.81 11.30
CA LYS B 29 0.60 37.39 10.03
C LYS B 29 1.90 36.79 9.49
N ASP B 30 2.08 35.47 9.68
CA ASP B 30 3.24 34.76 9.18
C ASP B 30 3.06 34.30 7.72
N GLY B 31 1.89 34.45 7.10
CA GLY B 31 1.62 33.85 5.80
C GLY B 31 2.23 34.64 4.64
N TYR B 32 2.33 34.01 3.48
CA TYR B 32 2.82 34.71 2.32
C TYR B 32 1.79 35.74 1.84
N GLN B 33 0.51 35.66 2.28
CA GLN B 33 -0.50 36.66 1.95
C GLN B 33 -1.06 37.27 3.25
N GLN B 34 -0.22 37.32 4.27
CA GLN B 34 -0.47 37.93 5.58
C GLN B 34 -1.56 37.19 6.37
N GLY B 35 -1.84 35.92 6.04
CA GLY B 35 -2.64 35.10 6.93
C GLY B 35 -1.88 34.64 8.19
N THR B 36 -2.58 33.84 9.00
CA THR B 36 -2.11 33.36 10.29
C THR B 36 -2.32 31.84 10.36
N SER B 37 -1.21 31.11 10.63
CA SER B 37 -1.26 29.68 10.73
C SER B 37 -1.88 29.36 12.08
N ALA B 38 -2.49 28.17 12.19
CA ALA B 38 -3.21 27.82 13.42
C ALA B 38 -2.23 27.26 14.42
N ASP B 39 -2.59 27.39 15.70
CA ASP B 39 -1.95 26.70 16.80
C ASP B 39 -2.69 25.40 17.14
N ILE B 40 -2.65 24.42 16.25
CA ILE B 40 -3.45 23.21 16.38
C ILE B 40 -2.62 22.16 17.12
N ALA B 41 -3.20 21.53 18.17
CA ALA B 41 -2.49 20.45 18.85
C ALA B 41 -2.31 19.29 17.87
N LEU B 42 -1.19 18.57 18.05
CA LEU B 42 -0.89 17.41 17.22
C LEU B 42 -2.05 16.41 17.19
N LYS B 43 -2.69 16.15 18.34
CA LYS B 43 -3.74 15.16 18.40
C LYS B 43 -4.97 15.57 17.59
N ASP B 44 -5.11 16.85 17.26
CA ASP B 44 -6.28 17.32 16.53
C ASP B 44 -6.00 17.45 15.04
N THR B 45 -4.84 16.96 14.60
CA THR B 45 -4.55 17.01 13.17
C THR B 45 -5.69 16.30 12.47
N PRO B 46 -6.29 16.85 11.40
CA PRO B 46 -7.35 16.13 10.72
C PRO B 46 -7.00 14.68 10.35
N LYS B 47 -7.98 13.79 10.50
CA LYS B 47 -7.88 12.35 10.26
C LYS B 47 -7.31 12.05 8.89
N ALA B 48 -7.63 12.86 7.87
CA ALA B 48 -7.18 12.63 6.51
C ALA B 48 -5.65 12.57 6.40
N TYR B 49 -4.91 13.23 7.30
CA TYR B 49 -3.47 13.12 7.29
C TYR B 49 -3.08 11.84 8.00
N ASN B 50 -2.56 10.85 7.25
CA ASN B 50 -2.18 9.59 7.89
C ASN B 50 -0.67 9.55 8.19
N VAL B 51 0.08 10.58 7.75
CA VAL B 51 1.45 10.78 8.16
C VAL B 51 1.52 12.25 8.52
N VAL B 52 2.08 12.50 9.72
CA VAL B 52 2.28 13.84 10.22
C VAL B 52 3.77 14.03 10.45
N ASP B 53 4.35 15.12 9.92
CA ASP B 53 5.78 15.39 10.08
C ASP B 53 6.00 16.57 11.02
N VAL B 54 6.41 16.28 12.25
CA VAL B 54 6.64 17.30 13.26
C VAL B 54 7.90 18.10 12.94
N SER B 55 7.72 19.41 12.83
CA SER B 55 8.73 20.32 12.35
C SER B 55 9.17 21.25 13.48
N PHE B 56 10.49 21.36 13.77
CA PHE B 56 11.60 20.62 13.19
C PHE B 56 12.56 20.18 14.29
N MET B 57 13.28 19.10 13.99
CA MET B 57 14.54 18.80 14.66
C MET B 57 15.61 19.64 13.98
N LYS B 58 16.29 20.46 14.77
CA LYS B 58 17.19 21.44 14.19
C LYS B 58 18.36 21.72 15.13
N GLY B 59 19.38 22.34 14.57
CA GLY B 59 20.49 22.80 15.37
C GLY B 59 20.22 24.20 15.90
N ASP B 60 21.22 24.76 16.57
CA ASP B 60 20.99 25.94 17.37
C ASP B 60 21.99 27.03 16.98
N GLY B 61 22.89 26.73 16.03
CA GLY B 61 23.90 27.68 15.60
C GLY B 61 25.14 27.62 16.50
N VAL B 62 25.21 26.66 17.42
CA VAL B 62 26.20 26.67 18.49
C VAL B 62 26.80 25.29 18.61
N ASN B 63 25.93 24.28 18.79
CA ASN B 63 26.33 22.89 19.00
C ASN B 63 26.13 22.13 17.70
N ARG B 64 26.50 20.85 17.63
CA ARG B 64 26.40 20.12 16.36
C ARG B 64 25.26 19.11 16.28
N ILE B 65 24.75 18.57 17.40
CA ILE B 65 23.75 17.51 17.28
C ILE B 65 22.33 18.10 17.23
N PRO B 66 21.55 17.93 16.13
CA PRO B 66 20.19 18.46 16.10
C PRO B 66 19.30 17.81 17.15
N THR B 67 18.33 18.58 17.64
CA THR B 67 17.46 18.03 18.66
C THR B 67 16.04 18.61 18.47
N PHE B 68 15.13 18.12 19.32
CA PHE B 68 13.75 18.53 19.23
C PHE B 68 13.18 18.45 20.65
N LYS B 69 12.37 19.44 21.01
CA LYS B 69 11.64 19.46 22.27
C LYS B 69 10.32 20.16 21.95
N PRO B 70 9.16 19.59 22.36
CA PRO B 70 7.90 20.29 22.17
C PRO B 70 7.84 21.56 23.00
N VAL B 71 7.00 22.50 22.56
CA VAL B 71 6.83 23.80 23.19
C VAL B 71 5.50 23.79 23.95
N GLY B 72 5.56 24.08 25.26
CA GLY B 72 4.34 24.35 26.01
C GLY B 72 3.57 23.08 26.37
N ILE B 73 4.28 21.96 26.44
CA ILE B 73 3.69 20.69 26.84
C ILE B 73 4.87 19.82 27.27
N ASN B 74 4.67 19.00 28.29
CA ASN B 74 5.70 18.12 28.79
C ASN B 74 5.77 16.85 27.91
N ASP B 75 6.79 16.04 28.13
CA ASP B 75 7.17 14.98 27.21
C ASP B 75 6.17 13.83 27.27
N SER B 76 5.65 13.55 28.46
CA SER B 76 4.75 12.42 28.61
C SER B 76 3.43 12.74 27.92
N ASP B 77 3.02 14.03 27.94
CA ASP B 77 1.76 14.45 27.36
C ASP B 77 1.90 14.53 25.84
N PHE B 78 3.08 14.93 25.36
CA PHE B 78 3.32 14.93 23.93
C PHE B 78 3.25 13.51 23.36
N ARG B 79 3.94 12.58 24.02
CA ARG B 79 3.94 11.17 23.69
C ARG B 79 2.53 10.60 23.56
N ALA B 80 1.66 10.94 24.54
CA ALA B 80 0.27 10.49 24.54
C ALA B 80 -0.46 10.91 23.27
N GLN B 81 -0.16 12.11 22.80
CA GLN B 81 -0.76 12.61 21.58
C GLN B 81 -0.23 11.84 20.35
N VAL B 82 1.09 11.55 20.35
CA VAL B 82 1.67 10.74 19.30
C VAL B 82 1.05 9.34 19.32
N GLY B 83 0.82 8.81 20.53
CA GLY B 83 0.17 7.51 20.72
C GLY B 83 -1.22 7.45 20.14
N ALA B 84 -2.00 8.48 20.40
CA ALA B 84 -3.35 8.58 19.90
C ALA B 84 -3.37 8.49 18.35
N LEU B 85 -2.44 9.17 17.66
CA LEU B 85 -2.29 9.03 16.19
C LEU B 85 -1.88 7.59 15.81
N ASN B 86 -0.94 7.02 16.59
CA ASN B 86 -0.35 5.72 16.33
C ASN B 86 -1.38 4.61 16.43
N LYS B 87 -2.27 4.72 17.43
CA LYS B 87 -3.34 3.80 17.62
C LYS B 87 -4.27 3.74 16.41
N GLU B 88 -4.42 4.84 15.69
CA GLU B 88 -5.29 4.85 14.53
C GLU B 88 -4.50 4.50 13.29
N GLY B 89 -3.27 4.05 13.43
CA GLY B 89 -2.46 3.70 12.26
C GLY B 89 -1.85 4.89 11.52
N ARG B 90 -1.71 6.03 12.19
CA ARG B 90 -1.12 7.21 11.56
C ARG B 90 0.31 7.40 12.08
N ALA B 91 1.27 7.53 11.15
CA ALA B 91 2.65 7.68 11.52
C ALA B 91 2.91 9.16 11.83
N VAL B 92 3.82 9.39 12.76
CA VAL B 92 4.32 10.73 13.10
C VAL B 92 5.84 10.68 12.98
N LEU B 93 6.36 11.43 12.03
CA LEU B 93 7.77 11.47 11.75
C LEU B 93 8.29 12.76 12.40
N LEU B 94 9.60 12.82 12.69
CA LEU B 94 10.29 14.06 13.01
C LEU B 94 11.03 14.56 11.77
N ALA B 95 10.72 15.79 11.33
CA ALA B 95 11.33 16.45 10.22
C ALA B 95 12.61 17.14 10.64
N LEU B 96 13.70 16.84 9.95
CA LEU B 96 15.01 17.41 10.25
C LEU B 96 15.25 18.55 9.27
N GLY B 97 15.61 19.73 9.79
CA GLY B 97 16.01 20.85 8.97
C GLY B 97 14.92 21.91 9.04
N GLY B 98 14.57 22.43 7.86
CA GLY B 98 13.63 23.52 7.70
C GLY B 98 14.48 24.76 7.47
N ALA B 99 13.84 25.90 7.17
CA ALA B 99 14.57 27.15 6.99
C ALA B 99 15.29 27.53 8.29
N ASP B 100 16.52 28.04 8.19
CA ASP B 100 17.27 28.42 9.37
C ASP B 100 17.42 27.22 10.32
N GLY B 101 17.65 26.02 9.76
CA GLY B 101 17.83 24.77 10.49
C GLY B 101 19.14 24.62 11.27
N HIS B 102 20.19 25.31 10.83
CA HIS B 102 21.51 25.17 11.42
C HIS B 102 21.90 23.71 11.56
N VAL B 103 21.56 22.88 10.55
CA VAL B 103 21.99 21.50 10.58
C VAL B 103 23.38 21.42 9.94
N GLU B 104 24.38 21.03 10.75
CA GLU B 104 25.78 20.99 10.36
C GLU B 104 26.54 19.98 11.23
N LEU B 105 26.51 18.72 10.80
CA LEU B 105 27.16 17.63 11.51
C LEU B 105 28.60 17.46 11.02
N LYS B 106 29.48 16.93 11.87
CA LYS B 106 30.87 16.70 11.48
C LYS B 106 31.19 15.23 11.54
N ALA B 107 32.13 14.78 10.71
CA ALA B 107 32.47 13.36 10.66
C ALA B 107 32.75 12.88 12.08
N GLY B 108 32.26 11.66 12.41
CA GLY B 108 32.36 11.12 13.76
C GLY B 108 31.12 11.38 14.63
N ASP B 109 30.17 12.14 14.08
CA ASP B 109 28.91 12.49 14.81
C ASP B 109 27.81 11.46 14.55
N GLU B 110 28.02 10.52 13.62
CA GLU B 110 27.03 9.48 13.27
C GLU B 110 26.41 8.82 14.52
N GLU B 111 27.26 8.36 15.45
CA GLU B 111 26.75 7.60 16.60
C GLU B 111 25.94 8.53 17.53
N ALA B 112 26.48 9.72 17.77
CA ALA B 112 25.77 10.62 18.67
C ALA B 112 24.43 11.05 18.03
N PHE B 113 24.44 11.26 16.72
CA PHE B 113 23.19 11.64 16.01
C PHE B 113 22.20 10.45 16.02
N ALA B 114 22.66 9.24 15.70
CA ALA B 114 21.81 8.06 15.76
C ALA B 114 21.21 7.88 17.15
N ASN B 115 22.01 8.12 18.18
CA ASN B 115 21.51 7.95 19.54
C ASN B 115 20.48 9.00 19.88
N GLU B 116 20.62 10.20 19.30
CA GLU B 116 19.67 11.25 19.62
C GLU B 116 18.37 10.95 18.88
N ILE B 117 18.44 10.47 17.64
CA ILE B 117 17.24 9.99 16.96
C ILE B 117 16.56 8.89 17.74
N ILE B 118 17.35 8.01 18.38
CA ILE B 118 16.79 6.89 19.12
C ILE B 118 16.14 7.43 20.38
N ARG B 119 16.70 8.49 21.01
CA ARG B 119 16.09 9.02 22.20
C ARG B 119 14.76 9.72 21.85
N GLN B 120 14.68 10.37 20.67
CA GLN B 120 13.41 10.96 20.22
C GLN B 120 12.32 9.91 20.07
N VAL B 121 12.65 8.79 19.41
CA VAL B 121 11.72 7.67 19.33
C VAL B 121 11.30 7.18 20.72
N GLU B 122 12.26 6.89 21.60
CA GLU B 122 11.92 6.31 22.90
C GLU B 122 11.13 7.26 23.78
N THR B 123 11.41 8.57 23.64
CA THR B 123 10.83 9.60 24.46
C THR B 123 9.45 9.97 23.93
N TYR B 124 9.33 10.26 22.62
CA TYR B 124 8.08 10.79 22.10
C TYR B 124 7.25 9.82 21.28
N GLY B 125 7.82 8.71 20.85
CA GLY B 125 7.11 7.70 20.07
C GLY B 125 7.10 7.99 18.56
N PHE B 126 8.04 8.81 18.06
CA PHE B 126 8.16 9.01 16.62
C PHE B 126 8.41 7.69 15.86
N ASP B 127 8.11 7.70 14.54
CA ASP B 127 8.04 6.47 13.74
C ASP B 127 9.02 6.53 12.59
N GLY B 128 9.78 7.63 12.52
CA GLY B 128 10.72 7.82 11.47
C GLY B 128 11.16 9.26 11.42
N LEU B 129 11.91 9.56 10.36
CA LEU B 129 12.58 10.83 10.22
C LEU B 129 12.39 11.27 8.78
N ASP B 130 12.14 12.57 8.63
CA ASP B 130 11.97 13.15 7.29
C ASP B 130 13.09 14.15 7.08
N ILE B 131 13.84 13.99 5.98
CA ILE B 131 14.94 14.88 5.69
C ILE B 131 14.39 16.08 4.93
N ASP B 132 14.49 17.28 5.54
CA ASP B 132 13.93 18.48 4.95
C ASP B 132 14.95 19.61 5.02
N LEU B 133 16.12 19.37 4.37
CA LEU B 133 17.26 20.25 4.49
C LEU B 133 17.05 21.47 3.64
N GLU B 134 17.36 22.67 4.18
CA GLU B 134 17.35 23.86 3.35
C GLU B 134 18.58 23.76 2.44
N GLN B 135 18.62 24.56 1.37
CA GLN B 135 19.69 24.46 0.36
C GLN B 135 21.10 24.58 0.96
N SER B 136 21.33 25.53 1.89
CA SER B 136 22.57 25.68 2.61
C SER B 136 23.05 24.40 3.29
N ALA B 137 22.13 23.57 3.78
CA ALA B 137 22.47 22.45 4.63
C ALA B 137 22.86 21.21 3.82
N ILE B 138 22.58 21.18 2.52
CA ILE B 138 22.79 19.99 1.72
C ILE B 138 24.24 19.52 1.83
N THR B 139 25.19 20.44 1.67
CA THR B 139 26.60 20.12 1.72
C THR B 139 27.28 20.72 2.94
N ALA B 140 26.55 21.27 3.92
CA ALA B 140 27.23 21.82 5.10
C ALA B 140 27.95 20.74 5.93
N GLY B 141 29.12 21.10 6.49
CA GLY B 141 29.88 20.19 7.35
C GLY B 141 30.04 18.82 6.68
N ASP B 142 29.75 17.75 7.43
CA ASP B 142 29.79 16.43 6.82
C ASP B 142 28.40 15.81 6.70
N ASN B 143 27.38 16.65 6.44
CA ASN B 143 25.98 16.21 6.40
C ASN B 143 25.81 15.03 5.43
N LYS B 144 26.44 15.18 4.26
CA LYS B 144 26.23 14.26 3.17
C LYS B 144 26.59 12.83 3.54
N THR B 145 27.55 12.63 4.46
CA THR B 145 27.88 11.27 4.90
C THR B 145 27.29 10.95 6.28
N VAL B 146 27.27 11.93 7.21
CA VAL B 146 26.81 11.60 8.56
C VAL B 146 25.34 11.22 8.59
N ILE B 147 24.53 11.99 7.84
CA ILE B 147 23.08 11.85 7.94
C ILE B 147 22.67 10.47 7.43
N PRO B 148 23.04 10.04 6.20
CA PRO B 148 22.74 8.68 5.77
C PRO B 148 23.26 7.62 6.75
N ALA B 149 24.49 7.84 7.24
CA ALA B 149 25.11 6.82 8.05
C ALA B 149 24.32 6.66 9.36
N ALA B 150 23.97 7.80 9.98
CA ALA B 150 23.26 7.69 11.25
C ALA B 150 21.86 7.06 11.04
N LEU B 151 21.22 7.40 9.93
CA LEU B 151 19.88 6.91 9.69
C LEU B 151 19.88 5.40 9.46
N LYS B 152 20.94 4.87 8.81
CA LYS B 152 21.04 3.42 8.62
C LYS B 152 21.22 2.73 9.97
N ILE B 153 22.05 3.30 10.86
CA ILE B 153 22.20 2.74 12.20
C ILE B 153 20.81 2.64 12.84
N VAL B 154 20.00 3.68 12.68
CA VAL B 154 18.71 3.73 13.35
C VAL B 154 17.76 2.70 12.73
N LYS B 155 17.65 2.65 11.40
CA LYS B 155 16.74 1.74 10.74
C LYS B 155 17.06 0.29 11.14
N ASP B 156 18.37 -0.05 11.08
CA ASP B 156 18.85 -1.38 11.42
C ASP B 156 18.51 -1.70 12.87
N HIS B 157 18.64 -0.74 13.76
CA HIS B 157 18.33 -0.91 15.18
C HIS B 157 16.88 -1.29 15.33
N TYR B 158 15.98 -0.60 14.64
CA TYR B 158 14.57 -0.89 14.85
C TYR B 158 14.19 -2.17 14.10
N LYS B 159 14.81 -2.43 12.94
CA LYS B 159 14.56 -3.68 12.23
C LYS B 159 14.83 -4.91 13.12
N ALA B 160 15.94 -4.88 13.86
CA ALA B 160 16.26 -5.90 14.85
C ALA B 160 15.14 -6.10 15.87
N GLU B 161 14.36 -5.10 16.26
CA GLU B 161 13.26 -5.36 17.19
C GLU B 161 11.93 -5.50 16.43
N GLY B 162 12.00 -5.78 15.12
CA GLY B 162 10.83 -6.06 14.30
C GLY B 162 10.00 -4.83 13.93
N LYS B 163 10.58 -3.61 13.95
CA LYS B 163 9.81 -2.42 13.64
C LYS B 163 10.38 -1.75 12.40
N ASN B 164 9.53 -1.11 11.61
CA ASN B 164 10.01 -0.38 10.47
C ASN B 164 10.08 1.13 10.75
N PHE B 165 11.27 1.65 10.99
CA PHE B 165 11.52 3.08 11.12
C PHE B 165 11.57 3.76 9.75
N LEU B 166 10.65 4.71 9.53
CA LEU B 166 10.39 5.26 8.20
C LEU B 166 11.43 6.31 7.92
N ILE B 167 11.88 6.36 6.68
CA ILE B 167 12.80 7.38 6.22
C ILE B 167 12.19 8.01 4.98
N THR B 168 12.08 9.32 5.03
CA THR B 168 11.46 10.07 3.98
C THR B 168 12.36 11.27 3.71
N MET B 169 12.16 11.85 2.55
CA MET B 169 12.86 13.07 2.19
C MET B 169 11.89 13.99 1.46
N ALA B 170 12.10 15.31 1.64
CA ALA B 170 11.34 16.34 1.01
C ALA B 170 12.31 17.35 0.38
N PRO B 171 13.02 16.97 -0.71
CA PRO B 171 13.83 17.95 -1.44
C PRO B 171 12.97 18.90 -2.30
N GLU B 172 13.51 20.08 -2.52
CA GLU B 172 13.06 20.98 -3.55
C GLU B 172 13.36 20.48 -4.96
N PHE B 173 12.33 20.26 -5.77
CA PHE B 173 12.51 19.45 -6.96
C PHE B 173 13.68 19.80 -7.88
N PRO B 174 14.13 21.07 -7.99
CA PRO B 174 15.32 21.41 -8.79
C PRO B 174 16.62 20.77 -8.34
N TYR B 175 16.72 20.28 -7.08
CA TYR B 175 17.93 19.59 -6.63
C TYR B 175 18.00 18.13 -7.06
N LEU B 176 16.93 17.58 -7.65
CA LEU B 176 16.92 16.15 -7.94
C LEU B 176 17.38 15.91 -9.39
N LYS B 177 18.64 16.26 -9.66
CA LYS B 177 19.22 16.13 -10.99
C LYS B 177 20.52 15.33 -10.91
N PRO B 178 20.93 14.64 -12.00
CA PRO B 178 22.24 14.01 -12.09
C PRO B 178 23.36 14.98 -11.73
N GLY B 179 24.33 14.50 -10.93
CA GLY B 179 25.49 15.28 -10.56
C GLY B 179 25.15 16.39 -9.56
N SER B 180 23.92 16.38 -9.04
CA SER B 180 23.53 17.34 -8.02
C SER B 180 24.13 16.92 -6.68
N ALA B 181 24.38 17.94 -5.87
CA ALA B 181 24.82 17.75 -4.49
C ALA B 181 23.88 16.82 -3.72
N TYR B 182 22.58 16.81 -4.05
CA TYR B 182 21.57 16.08 -3.26
C TYR B 182 21.58 14.59 -3.61
N GLU B 183 22.19 14.29 -4.77
CA GLU B 183 21.94 13.01 -5.40
C GLU B 183 22.38 11.93 -4.44
N SER B 184 23.50 12.17 -3.76
CA SER B 184 24.12 11.19 -2.91
C SER B 184 23.23 10.83 -1.72
N TYR B 185 22.29 11.69 -1.30
CA TYR B 185 21.32 11.28 -0.27
C TYR B 185 20.45 10.13 -0.78
N LEU B 186 19.98 10.22 -2.02
CA LEU B 186 19.13 9.22 -2.64
C LEU B 186 19.88 7.91 -2.83
N THR B 187 21.13 8.02 -3.34
CA THR B 187 21.94 6.87 -3.70
C THR B 187 22.34 6.17 -2.41
N SER B 188 22.83 6.94 -1.45
CA SER B 188 23.23 6.33 -0.21
C SER B 188 22.06 5.63 0.49
N LEU B 189 20.83 6.14 0.37
CA LEU B 189 19.72 5.62 1.16
C LEU B 189 18.76 4.82 0.26
N ALA B 190 19.22 4.42 -0.94
CA ALA B 190 18.37 3.78 -1.93
C ALA B 190 17.62 2.57 -1.38
N ASN B 191 18.21 1.77 -0.48
CA ASN B 191 17.49 0.62 0.05
C ASN B 191 16.82 0.94 1.39
N TYR B 192 16.93 2.19 1.85
CA TYR B 192 16.41 2.51 3.17
C TYR B 192 15.16 3.40 3.12
N TYR B 193 15.00 4.25 2.11
CA TYR B 193 13.96 5.27 2.15
C TYR B 193 12.61 4.68 1.74
N ASP B 194 11.53 5.21 2.36
CA ASP B 194 10.18 4.75 2.16
C ASP B 194 9.50 5.58 1.08
N TYR B 195 9.69 6.92 1.05
CA TYR B 195 9.26 7.71 -0.10
C TYR B 195 9.98 9.07 -0.12
N ILE B 196 9.94 9.69 -1.29
CA ILE B 196 10.53 10.97 -1.56
C ILE B 196 9.33 11.85 -1.96
N ALA B 197 9.21 13.03 -1.33
CA ALA B 197 8.17 13.97 -1.70
C ALA B 197 8.76 15.28 -2.17
N PRO B 198 9.14 15.44 -3.43
CA PRO B 198 9.61 16.72 -3.90
C PRO B 198 8.63 17.89 -3.73
N GLN B 199 9.15 19.02 -3.19
CA GLN B 199 8.41 20.27 -3.03
C GLN B 199 8.21 20.89 -4.41
N LEU B 200 6.95 21.00 -4.86
CA LEU B 200 6.59 21.57 -6.15
C LEU B 200 6.02 22.96 -5.91
N TYR B 201 6.65 23.70 -4.99
CA TYR B 201 6.25 25.05 -4.66
C TYR B 201 7.48 25.90 -4.31
N ASN B 202 7.34 27.22 -4.42
CA ASN B 202 8.36 28.23 -4.17
C ASN B 202 9.51 28.15 -5.17
N GLN B 203 9.34 27.49 -6.33
CA GLN B 203 10.43 27.37 -7.30
C GLN B 203 9.90 27.83 -8.66
N GLY B 204 9.33 29.03 -8.70
CA GLY B 204 8.46 29.48 -9.77
C GLY B 204 8.94 29.14 -11.18
N GLY B 205 10.15 29.59 -11.53
CA GLY B 205 10.60 29.52 -12.92
C GLY B 205 11.20 28.17 -13.31
N ASP B 206 11.31 27.25 -12.37
CA ASP B 206 11.88 25.95 -12.67
C ASP B 206 10.77 25.03 -13.18
N GLY B 207 11.19 23.98 -13.90
CA GLY B 207 10.20 23.08 -14.48
C GLY B 207 10.85 22.02 -15.34
N VAL B 208 10.15 21.69 -16.43
CA VAL B 208 10.51 20.56 -17.27
C VAL B 208 10.34 20.91 -18.75
N TRP B 209 11.33 20.47 -19.54
CA TRP B 209 11.25 20.59 -20.98
C TRP B 209 10.67 19.31 -21.56
N VAL B 210 9.52 19.39 -22.23
CA VAL B 210 8.85 18.22 -22.77
C VAL B 210 8.85 18.28 -24.31
N ASP B 211 9.59 17.37 -24.95
CA ASP B 211 9.56 17.19 -26.40
C ASP B 211 8.16 16.81 -26.91
N GLU B 212 7.45 15.97 -26.16
CA GLU B 212 6.13 15.44 -26.53
C GLU B 212 5.18 16.58 -26.88
N THR B 213 5.19 17.68 -26.11
CA THR B 213 4.24 18.76 -26.35
C THR B 213 4.97 20.00 -26.91
N ASN B 214 6.31 19.96 -26.87
CA ASN B 214 7.15 21.06 -27.30
C ASN B 214 6.89 22.33 -26.46
N GLN B 215 6.98 22.16 -25.13
CA GLN B 215 6.65 23.18 -24.15
C GLN B 215 7.67 23.14 -23.01
N TRP B 216 8.09 24.33 -22.54
CA TRP B 216 8.67 24.49 -21.23
C TRP B 216 7.50 24.60 -20.27
N ILE B 217 7.46 23.70 -19.28
CA ILE B 217 6.36 23.76 -18.34
C ILE B 217 6.91 24.12 -16.97
N ALA B 218 6.64 25.34 -16.53
CA ALA B 218 7.21 25.82 -15.29
C ALA B 218 6.22 25.61 -14.14
N GLN B 219 6.76 25.60 -12.92
CA GLN B 219 5.97 25.38 -11.71
C GLN B 219 5.00 26.51 -11.42
N ASN B 220 5.26 27.72 -11.97
CA ASN B 220 4.46 28.89 -11.71
C ASN B 220 3.42 29.12 -12.80
N ASN B 221 3.21 28.13 -13.67
CA ASN B 221 2.31 28.27 -14.79
C ASN B 221 0.99 27.56 -14.51
N ASP B 222 -0.03 28.34 -14.09
CA ASP B 222 -1.32 27.79 -13.69
C ASP B 222 -2.09 27.25 -14.89
N THR B 223 -1.88 27.83 -16.07
CA THR B 223 -2.61 27.36 -17.24
C THR B 223 -2.16 25.94 -17.59
N LEU B 224 -0.91 25.58 -17.27
CA LEU B 224 -0.41 24.27 -17.65
C LEU B 224 -0.19 23.37 -16.43
N LYS B 225 -0.91 23.61 -15.32
CA LYS B 225 -0.58 22.96 -14.08
C LYS B 225 -0.74 21.44 -14.24
N GLU B 226 -1.77 21.02 -14.97
CA GLU B 226 -2.03 19.60 -15.13
C GLU B 226 -0.84 18.95 -15.80
N SER B 227 -0.32 19.60 -16.85
CA SER B 227 0.82 19.07 -17.57
C SER B 227 2.08 19.11 -16.73
N PHE B 228 2.26 20.21 -15.97
CA PHE B 228 3.37 20.29 -15.06
C PHE B 228 3.44 19.05 -14.17
N LEU B 229 2.38 18.81 -13.42
CA LEU B 229 2.42 17.73 -12.42
C LEU B 229 2.64 16.37 -13.11
N TYR B 230 1.96 16.13 -14.22
CA TYR B 230 2.08 14.85 -14.92
C TYR B 230 3.49 14.62 -15.44
N TYR B 231 4.07 15.61 -16.14
CA TYR B 231 5.40 15.45 -16.71
C TYR B 231 6.48 15.52 -15.64
N MET B 232 6.27 16.26 -14.53
CA MET B 232 7.22 16.16 -13.42
C MET B 232 7.22 14.72 -12.87
N ALA B 233 6.04 14.14 -12.62
CA ALA B 233 5.95 12.75 -12.16
C ALA B 233 6.57 11.80 -13.19
N ASP B 234 6.18 11.93 -14.45
CA ASP B 234 6.69 11.05 -15.49
C ASP B 234 8.22 11.10 -15.55
N SER B 235 8.79 12.29 -15.33
CA SER B 235 10.22 12.47 -15.39
C SER B 235 10.91 11.76 -14.23
N PHE B 236 10.37 11.89 -13.02
CA PHE B 236 10.98 11.24 -11.88
C PHE B 236 10.85 9.72 -12.00
N ILE B 237 9.68 9.28 -12.43
CA ILE B 237 9.39 7.86 -12.53
C ILE B 237 10.39 7.20 -13.49
N ASN B 238 10.75 7.87 -14.59
CA ASN B 238 11.56 7.28 -15.65
C ASN B 238 13.01 7.75 -15.62
N GLY B 239 13.33 8.66 -14.68
CA GLY B 239 14.61 9.34 -14.66
C GLY B 239 14.94 9.99 -16.00
N THR B 240 13.95 10.70 -16.57
CA THR B 240 14.15 11.40 -17.83
C THR B 240 14.04 12.93 -17.67
N ARG B 241 14.29 13.60 -18.80
CA ARG B 241 14.25 15.06 -18.95
C ARG B 241 15.07 15.80 -17.90
N GLY B 242 16.17 15.18 -17.45
CA GLY B 242 17.13 15.85 -16.60
C GLY B 242 16.94 15.58 -15.10
N TYR B 243 16.00 14.68 -14.75
CA TYR B 243 15.63 14.40 -13.38
C TYR B 243 16.11 12.99 -13.01
N LEU B 244 16.56 12.84 -11.76
CA LEU B 244 16.90 11.56 -11.15
C LEU B 244 15.68 10.63 -11.14
N LYS B 245 15.92 9.32 -11.00
CA LYS B 245 14.85 8.35 -11.02
C LYS B 245 14.36 8.10 -9.60
N ILE B 246 13.05 8.28 -9.39
CA ILE B 246 12.32 7.84 -8.20
C ILE B 246 11.20 6.89 -8.60
N PRO B 247 11.15 5.64 -8.09
CA PRO B 247 10.05 4.74 -8.42
C PRO B 247 8.68 5.34 -8.04
N ALA B 248 7.67 5.15 -8.90
CA ALA B 248 6.35 5.71 -8.68
C ALA B 248 5.78 5.30 -7.33
N ASN B 249 5.98 4.02 -6.93
CA ASN B 249 5.48 3.51 -5.66
C ASN B 249 6.19 4.16 -4.48
N LYS B 250 7.19 5.05 -4.72
CA LYS B 250 7.87 5.76 -3.66
C LYS B 250 7.89 7.28 -3.88
N PHE B 251 6.98 7.76 -4.74
CA PHE B 251 6.89 9.14 -5.18
C PHE B 251 5.64 9.78 -4.58
N VAL B 252 5.82 10.95 -3.94
CA VAL B 252 4.74 11.73 -3.34
C VAL B 252 4.79 13.16 -3.90
N PHE B 253 3.66 13.71 -4.35
CA PHE B 253 3.59 15.09 -4.80
C PHE B 253 3.58 16.05 -3.60
N GLY B 254 4.51 17.01 -3.58
CA GLY B 254 4.58 18.04 -2.57
C GLY B 254 3.90 19.34 -3.05
N LEU B 255 2.79 19.71 -2.38
CA LEU B 255 1.96 20.84 -2.73
C LEU B 255 1.76 21.74 -1.53
N PRO B 256 1.57 23.07 -1.72
CA PRO B 256 1.22 23.93 -0.60
C PRO B 256 -0.27 23.89 -0.30
N ALA B 257 -0.60 24.03 0.98
CA ALA B 257 -1.99 23.93 1.42
C ALA B 257 -2.90 24.99 0.78
N ASN B 258 -2.38 26.20 0.64
CA ASN B 258 -3.15 27.34 0.20
C ASN B 258 -2.16 28.45 -0.14
N VAL B 259 -2.69 29.61 -0.48
CA VAL B 259 -1.94 30.79 -0.91
C VAL B 259 -1.10 31.37 0.19
N ASP B 260 -1.46 31.18 1.46
CA ASP B 260 -0.62 31.66 2.54
C ASP B 260 0.61 30.80 2.83
N ALA B 261 0.56 29.50 2.45
CA ALA B 261 1.53 28.50 2.83
C ALA B 261 2.76 28.55 1.96
N ALA B 262 2.66 29.08 0.74
CA ALA B 262 3.79 29.20 -0.18
C ALA B 262 3.62 30.43 -1.07
N ALA B 263 4.65 30.85 -1.76
CA ALA B 263 4.57 32.01 -2.64
C ALA B 263 3.90 31.58 -3.95
N THR B 264 4.40 30.45 -4.51
CA THR B 264 3.91 29.94 -5.78
C THR B 264 3.66 28.45 -5.64
N GLY B 265 2.86 27.89 -6.53
CA GLY B 265 2.72 26.44 -6.65
C GLY B 265 1.35 25.92 -6.25
N TYR B 266 0.48 26.78 -5.72
CA TYR B 266 -0.85 26.44 -5.30
C TYR B 266 -1.66 25.91 -6.48
N VAL B 267 -2.32 24.76 -6.25
CA VAL B 267 -3.12 24.16 -7.30
C VAL B 267 -4.56 24.67 -7.12
N THR B 268 -5.10 25.39 -8.12
CA THR B 268 -6.37 26.07 -7.90
C THR B 268 -7.55 25.11 -8.00
N ASP B 269 -7.42 23.96 -8.68
CA ASP B 269 -8.55 23.07 -8.88
C ASP B 269 -8.12 21.64 -8.62
N PRO B 270 -8.63 20.99 -7.53
CA PRO B 270 -8.22 19.63 -7.16
C PRO B 270 -8.52 18.59 -8.23
N GLN B 271 -9.53 18.83 -9.08
CA GLN B 271 -9.74 17.97 -10.23
C GLN B 271 -8.45 17.79 -11.05
N ILE B 272 -7.58 18.80 -11.12
CA ILE B 272 -6.32 18.69 -11.86
C ILE B 272 -5.49 17.52 -11.28
N VAL B 273 -5.39 17.46 -9.95
CA VAL B 273 -4.58 16.41 -9.34
C VAL B 273 -5.22 15.03 -9.58
N LYS B 274 -6.56 14.95 -9.46
CA LYS B 274 -7.28 13.70 -9.71
C LYS B 274 -7.03 13.16 -11.13
N ASN B 275 -7.02 14.07 -12.11
CA ASN B 275 -6.69 13.68 -13.47
C ASN B 275 -5.29 13.12 -13.59
N VAL B 276 -4.31 13.72 -12.92
CA VAL B 276 -2.95 13.18 -12.99
C VAL B 276 -2.89 11.79 -12.33
N PHE B 277 -3.51 11.63 -11.13
CA PHE B 277 -3.51 10.34 -10.46
C PHE B 277 -4.11 9.27 -11.35
N THR B 278 -5.27 9.58 -11.98
CA THR B 278 -5.98 8.70 -12.86
C THR B 278 -5.10 8.31 -14.03
N ARG B 279 -4.45 9.30 -14.64
CA ARG B 279 -3.63 9.02 -15.86
C ARG B 279 -2.44 8.11 -15.48
N LEU B 280 -1.77 8.38 -14.36
CA LEU B 280 -0.65 7.58 -13.89
C LEU B 280 -1.09 6.13 -13.57
N GLN B 281 -2.24 5.97 -12.91
CA GLN B 281 -2.69 4.63 -12.55
C GLN B 281 -3.07 3.82 -13.80
N ALA B 282 -3.69 4.45 -14.81
CA ALA B 282 -4.01 3.79 -16.07
C ALA B 282 -2.75 3.28 -16.75
N LYS B 283 -1.60 3.91 -16.48
CA LYS B 283 -0.35 3.49 -17.10
C LYS B 283 0.34 2.44 -16.24
N GLY B 284 -0.22 2.12 -15.08
CA GLY B 284 0.38 1.13 -14.18
C GLY B 284 1.41 1.70 -13.20
N THR B 285 1.52 3.03 -13.11
CA THR B 285 2.52 3.67 -12.25
C THR B 285 1.81 4.64 -11.30
N PRO B 286 0.87 4.17 -10.47
CA PRO B 286 0.28 5.06 -9.48
C PRO B 286 1.30 5.46 -8.42
N VAL B 287 1.18 6.68 -7.91
CA VAL B 287 2.15 7.21 -6.97
C VAL B 287 1.74 6.90 -5.54
N LYS B 288 2.61 7.23 -4.59
CA LYS B 288 2.48 6.87 -3.19
C LYS B 288 1.51 7.82 -2.51
N GLY B 289 1.42 9.08 -3.00
CA GLY B 289 0.56 10.00 -2.27
C GLY B 289 0.83 11.49 -2.53
N ILE B 290 0.33 12.29 -1.56
CA ILE B 290 0.40 13.74 -1.58
C ILE B 290 0.98 14.16 -0.22
N MET B 291 1.74 15.27 -0.23
CA MET B 291 2.34 15.88 0.93
C MET B 291 2.03 17.38 0.87
N THR B 292 1.80 17.97 2.04
CA THR B 292 1.57 19.40 2.05
C THR B 292 2.30 20.09 3.21
N TRP B 293 2.73 21.32 2.89
CA TRP B 293 3.06 22.34 3.85
C TRP B 293 1.81 23.20 3.95
N SER B 294 0.96 23.03 4.99
CA SER B 294 1.24 22.41 6.28
C SER B 294 -0.11 22.24 6.94
N VAL B 295 -0.19 21.33 7.90
CA VAL B 295 -1.40 21.18 8.67
C VAL B 295 -1.84 22.54 9.24
N ASN B 296 -0.89 23.20 9.92
CA ASN B 296 -1.19 24.47 10.58
C ASN B 296 -1.70 25.51 9.58
N TRP B 297 -1.26 25.45 8.33
CA TRP B 297 -1.79 26.38 7.32
C TRP B 297 -3.17 25.94 6.87
N ASP B 298 -3.41 24.62 6.76
CA ASP B 298 -4.67 24.07 6.34
C ASP B 298 -5.78 24.45 7.34
N ALA B 299 -5.40 24.52 8.62
CA ALA B 299 -6.29 24.91 9.70
C ALA B 299 -6.17 26.41 10.06
N GLY B 300 -5.40 27.18 9.28
CA GLY B 300 -5.20 28.58 9.59
C GLY B 300 -6.28 29.50 9.01
N LYS B 301 -5.95 30.82 8.96
CA LYS B 301 -6.86 31.80 8.45
C LYS B 301 -6.10 32.79 7.54
N ASN B 302 -6.85 33.44 6.67
CA ASN B 302 -6.30 34.37 5.70
C ASN B 302 -6.21 35.72 6.40
N LYS B 303 -5.66 36.71 5.70
CA LYS B 303 -5.41 38.03 6.31
C LYS B 303 -6.70 38.71 6.82
N ALA B 304 -7.86 38.35 6.25
CA ALA B 304 -9.13 38.95 6.58
C ALA B 304 -9.80 38.18 7.70
N GLY B 305 -9.13 37.11 8.17
CA GLY B 305 -9.61 36.39 9.33
C GLY B 305 -10.50 35.22 8.92
N VAL B 306 -10.57 34.92 7.63
CA VAL B 306 -11.46 33.87 7.15
C VAL B 306 -10.75 32.51 7.21
N PRO B 307 -11.31 31.49 7.87
CA PRO B 307 -10.66 30.18 8.01
C PRO B 307 -10.48 29.41 6.70
N TYR B 308 -9.36 28.66 6.62
CA TYR B 308 -9.10 27.82 5.46
C TYR B 308 -9.91 26.53 5.56
N ASN B 309 -10.38 26.17 6.76
CA ASN B 309 -11.32 25.09 6.96
C ASN B 309 -10.80 23.71 6.47
N ASN B 310 -9.49 23.45 6.58
CA ASN B 310 -8.91 22.19 6.15
C ASN B 310 -9.22 21.91 4.68
N SER B 311 -9.25 22.94 3.85
CA SER B 311 -9.73 22.81 2.48
C SER B 311 -8.81 21.89 1.70
N PHE B 312 -7.53 21.77 2.10
CA PHE B 312 -6.59 20.96 1.33
C PHE B 312 -6.81 19.48 1.66
N SER B 313 -6.85 19.13 2.94
CA SER B 313 -7.07 17.74 3.28
C SER B 313 -8.45 17.27 2.88
N ASN B 314 -9.47 18.13 3.01
CA ASN B 314 -10.81 17.75 2.51
C ASN B 314 -10.83 17.44 1.01
N ALA B 315 -10.00 18.14 0.22
CA ALA B 315 -9.95 17.91 -1.22
C ALA B 315 -9.12 16.69 -1.60
N TYR B 316 -7.95 16.49 -0.98
CA TYR B 316 -7.00 15.49 -1.46
C TYR B 316 -7.07 14.16 -0.67
N GLY B 317 -7.56 14.20 0.56
CA GLY B 317 -7.80 12.99 1.33
C GLY B 317 -8.52 11.90 0.51
N PRO B 318 -9.68 12.22 -0.12
CA PRO B 318 -10.42 11.28 -0.92
C PRO B 318 -9.63 10.79 -2.14
N ILE B 319 -8.79 11.63 -2.71
CA ILE B 319 -7.99 11.21 -3.86
C ILE B 319 -6.97 10.16 -3.46
N VAL B 320 -6.37 10.25 -2.25
CA VAL B 320 -5.46 9.19 -1.84
C VAL B 320 -6.12 8.16 -0.93
N GLY B 321 -7.41 8.29 -0.60
CA GLY B 321 -8.10 7.25 0.13
C GLY B 321 -7.89 7.31 1.64
N THR B 322 -7.55 8.47 2.20
CA THR B 322 -7.51 8.61 3.65
C THR B 322 -8.79 9.24 4.21
N LYS B 323 -9.77 9.56 3.35
CA LYS B 323 -10.98 10.22 3.80
C LYS B 323 -12.17 9.78 2.91
C1 GOL C . 3.58 -1.95 -11.27
O1 GOL C . 3.58 -2.82 -10.13
C2 GOL C . 4.45 -2.48 -12.39
O2 GOL C . 3.83 -3.65 -12.96
C3 GOL C . 4.74 -1.44 -13.45
O3 GOL C . 3.56 -1.02 -14.15
CA CA D . -2.62 -6.57 -17.74
NA NA E . 2.82 -3.09 -0.02
NA NA F . 4.27 -0.17 -0.42
O1 MES G . 8.04 34.60 4.44
C2 MES G . 9.14 33.95 5.07
C3 MES G . 8.81 32.52 5.39
N4 MES G . 7.55 32.45 6.21
C5 MES G . 6.44 33.19 5.53
C6 MES G . 6.88 34.60 5.26
C7 MES G . 7.16 31.03 6.49
C8 MES G . 5.98 30.95 7.43
S MES G . 5.62 29.31 7.97
O1S MES G . 4.88 28.71 6.89
O2S MES G . 4.90 29.47 9.20
O3S MES G . 6.90 28.68 8.17
CA CA H . 5.30 5.27 17.49
#